data_3V9L
#
_entry.id   3V9L
#
_cell.length_a   84.888
_cell.length_b   94.053
_cell.length_c   132.425
_cell.angle_alpha   90.000
_cell.angle_beta   90.000
_cell.angle_gamma   90.000
#
_symmetry.space_group_name_H-M   'P 21 21 21'
#
loop_
_entity.id
_entity.type
_entity.pdbx_description
1 polymer 'Delta-1-pyrroline-5-carboxylate dehydrogenase, mitochondrial'
2 non-polymer GLYCEROL
3 non-polymer NICOTINAMIDE-ADENINE-DINUCLEOTIDE
4 water water
#
_entity_poly.entity_id   1
_entity_poly.type   'polypeptide(L)'
_entity_poly.pdbx_seq_one_letter_code
;MGSSHHHHHHSSGLVPRGSHMLRWKHTSSLKVANEPILAFSQGSPERDALQKALKDLKGQTEAIPCVVGDEEVWTSDIQY
QLSPFNHAHKVAKFCYADKALLNRAIDAALAARKEWDLKPMADRAQVFLKAADMLSGPRRAEVLAKTMVGQGKTVIQAEI
DAAAELIDFFRFNAKFAVELEGEQPISVPPSTNHTVYRGLEGFVAAISPFNFTAIGGNLAGAPALMGNVVLWKPSDTAML
ASYAVYRILREAGLPPNIIQFVPADGPTFGDTVTSSEHLCGINFTGSVPTFKHLWRQVAQNLDRFRTFPRLAGECGGKNF
HFVHSSADVDSVVSGTLRSAFEYGGQKCSACSRLYVPKSLWPQIKGRLLEEHSRIKVGDPAEDFGTFFSAVIDAKAFARI
KKWLEHARSSPSLSILAGGQCNESVGYYVEPCIIESKDPQEPIMKEEIFGPVLTVYVYPDDKYRETLKLVDSTTSYGLTG
AVFAQDKAIVQEATRMLRNAAGNFYINDKSTGSVVGQQPFGGARASGTNDKPGGPHYILRWTSPQVIKETHKPLGDWRYS
YMQ
;
_entity_poly.pdbx_strand_id   A,B
#
loop_
_chem_comp.id
_chem_comp.type
_chem_comp.name
_chem_comp.formula
GOL non-polymer GLYCEROL 'C3 H8 O3'
NAD non-polymer NICOTINAMIDE-ADENINE-DINUCLEOTIDE 'C21 H27 N7 O14 P2'
#
# COMPACT_ATOMS: atom_id res chain seq x y z
N LEU A 30 -19.14 -8.65 12.78
CA LEU A 30 -19.44 -9.81 11.95
C LEU A 30 -18.55 -11.00 12.29
N LYS A 31 -19.16 -12.10 12.72
CA LYS A 31 -18.42 -13.31 13.10
C LYS A 31 -18.35 -14.30 11.94
N VAL A 32 -17.14 -14.77 11.64
CA VAL A 32 -16.93 -15.69 10.52
C VAL A 32 -15.90 -16.77 10.84
N ALA A 33 -16.18 -18.00 10.38
CA ALA A 33 -15.28 -19.12 10.55
C ALA A 33 -14.94 -19.67 9.17
N ASN A 34 -13.88 -20.47 9.08
CA ASN A 34 -13.49 -21.07 7.82
C ASN A 34 -14.48 -22.11 7.33
N GLU A 35 -14.68 -22.14 6.01
CA GLU A 35 -15.53 -23.16 5.40
C GLU A 35 -14.89 -24.53 5.60
N PRO A 36 -15.69 -25.51 6.04
CA PRO A 36 -15.13 -26.85 6.17
C PRO A 36 -14.66 -27.40 4.83
N ILE A 37 -13.54 -28.10 4.85
CA ILE A 37 -13.10 -28.86 3.69
C ILE A 37 -13.75 -30.24 3.74
N LEU A 38 -14.50 -30.59 2.71
CA LEU A 38 -15.26 -31.84 2.73
C LEU A 38 -14.39 -33.05 2.36
N ALA A 39 -14.79 -34.22 2.83
CA ALA A 39 -13.97 -35.42 2.66
C ALA A 39 -14.28 -36.18 1.37
N PHE A 40 -15.47 -35.95 0.81
CA PHE A 40 -15.87 -36.62 -0.42
C PHE A 40 -15.78 -38.14 -0.32
N SER A 41 -16.18 -38.66 0.83
CA SER A 41 -16.22 -40.11 1.01
CA SER A 41 -16.23 -40.11 1.02
C SER A 41 -17.29 -40.73 0.13
N GLN A 42 -17.16 -42.02 -0.14
CA GLN A 42 -18.15 -42.74 -0.93
C GLN A 42 -19.53 -42.60 -0.30
N GLY A 43 -20.52 -42.28 -1.12
CA GLY A 43 -21.89 -42.15 -0.66
C GLY A 43 -22.21 -40.81 -0.01
N SER A 44 -21.22 -39.94 0.11
CA SER A 44 -21.45 -38.63 0.74
C SER A 44 -22.27 -37.74 -0.19
N PRO A 45 -23.02 -36.80 0.39
CA PRO A 45 -23.81 -35.89 -0.44
C PRO A 45 -22.92 -35.11 -1.40
N GLU A 46 -21.74 -34.69 -0.94
CA GLU A 46 -20.90 -33.85 -1.78
C GLU A 46 -20.27 -34.65 -2.93
N ARG A 47 -19.94 -35.90 -2.69
CA ARG A 47 -19.36 -36.74 -3.74
C ARG A 47 -20.42 -37.04 -4.80
N ASP A 48 -21.63 -37.36 -4.35
CA ASP A 48 -22.71 -37.62 -5.29
C ASP A 48 -22.99 -36.37 -6.14
N ALA A 49 -23.02 -35.21 -5.47
CA ALA A 49 -23.33 -33.98 -6.19
C ALA A 49 -22.24 -33.64 -7.18
N LEU A 50 -20.97 -33.84 -6.78
CA LEU A 50 -19.86 -33.54 -7.68
C LEU A 50 -19.89 -34.47 -8.89
N GLN A 51 -20.15 -35.75 -8.67
CA GLN A 51 -20.24 -36.70 -9.77
CA GLN A 51 -20.21 -36.66 -9.79
C GLN A 51 -21.31 -36.27 -10.78
N LYS A 52 -22.44 -35.79 -10.28
CA LYS A 52 -23.53 -35.35 -11.14
C LYS A 52 -23.10 -34.12 -11.93
N ALA A 53 -22.45 -33.18 -11.26
CA ALA A 53 -21.99 -31.97 -11.92
C ALA A 53 -20.96 -32.28 -12.99
N LEU A 54 -20.07 -33.24 -12.71
CA LEU A 54 -19.10 -33.67 -13.70
C LEU A 54 -19.78 -34.30 -14.92
N LYS A 55 -20.78 -35.13 -14.66
CA LYS A 55 -21.54 -35.74 -15.74
C LYS A 55 -22.22 -34.65 -16.57
N ASP A 56 -22.76 -33.64 -15.90
CA ASP A 56 -23.43 -32.52 -16.57
C ASP A 56 -22.50 -31.79 -17.55
N LEU A 57 -21.20 -31.79 -17.26
CA LEU A 57 -20.23 -31.04 -18.06
C LEU A 57 -19.53 -31.86 -19.13
N LYS A 58 -19.57 -33.18 -19.01
CA LYS A 58 -18.93 -34.01 -20.01
C LYS A 58 -19.59 -33.75 -21.36
N GLY A 59 -18.77 -33.47 -22.35
CA GLY A 59 -19.28 -33.21 -23.69
C GLY A 59 -19.92 -31.85 -23.89
N GLN A 60 -19.90 -30.98 -22.87
CA GLN A 60 -20.54 -29.67 -23.00
C GLN A 60 -19.54 -28.56 -23.35
N THR A 61 -20.00 -27.62 -24.17
CA THR A 61 -19.28 -26.36 -24.41
C THR A 61 -20.21 -25.22 -24.06
N GLU A 62 -19.79 -24.36 -23.14
CA GLU A 62 -20.57 -23.17 -22.81
C GLU A 62 -20.09 -21.99 -23.65
N ALA A 63 -21.03 -21.28 -24.26
CA ALA A 63 -20.72 -20.03 -24.94
C ALA A 63 -20.82 -18.91 -23.93
N ILE A 64 -19.67 -18.32 -23.62
CA ILE A 64 -19.53 -17.33 -22.56
C ILE A 64 -19.29 -15.95 -23.16
N PRO A 65 -20.26 -15.04 -23.01
CA PRO A 65 -20.12 -13.71 -23.60
C PRO A 65 -19.29 -12.79 -22.70
N CYS A 66 -18.88 -11.64 -23.22
CA CYS A 66 -18.45 -10.56 -22.34
C CYS A 66 -19.73 -10.02 -21.70
N VAL A 67 -19.62 -9.52 -20.46
CA VAL A 67 -20.77 -8.92 -19.81
C VAL A 67 -20.44 -7.50 -19.38
N VAL A 68 -21.12 -6.54 -19.99
CA VAL A 68 -20.97 -5.14 -19.65
C VAL A 68 -22.33 -4.67 -19.17
N GLY A 69 -22.42 -4.26 -17.90
CA GLY A 69 -23.71 -4.02 -17.29
C GLY A 69 -24.48 -5.32 -17.23
N ASP A 70 -25.64 -5.34 -17.89
CA ASP A 70 -26.40 -6.57 -18.05
C ASP A 70 -26.38 -7.05 -19.49
N GLU A 71 -25.61 -6.36 -20.33
CA GLU A 71 -25.51 -6.72 -21.74
C GLU A 71 -24.53 -7.86 -21.98
N GLU A 72 -25.00 -8.91 -22.67
CA GLU A 72 -24.12 -9.99 -23.10
C GLU A 72 -23.61 -9.65 -24.50
N VAL A 73 -22.30 -9.45 -24.61
CA VAL A 73 -21.72 -8.94 -25.84
C VAL A 73 -20.78 -9.96 -26.48
N TRP A 74 -20.98 -10.19 -27.77
CA TRP A 74 -20.06 -11.00 -28.54
C TRP A 74 -19.28 -10.15 -29.54
N THR A 75 -17.99 -10.42 -29.64
CA THR A 75 -17.15 -9.85 -30.68
C THR A 75 -16.78 -10.97 -31.64
N SER A 76 -16.14 -10.62 -32.74
CA SER A 76 -15.75 -11.62 -33.73
C SER A 76 -14.50 -12.38 -33.32
N ASP A 77 -13.85 -11.93 -32.24
CA ASP A 77 -12.59 -12.52 -31.83
C ASP A 77 -12.84 -13.72 -30.92
N ILE A 78 -13.27 -14.81 -31.54
CA ILE A 78 -13.68 -16.02 -30.82
C ILE A 78 -12.47 -16.81 -30.33
N GLN A 79 -12.58 -17.27 -29.08
CA GLN A 79 -11.55 -18.03 -28.41
C GLN A 79 -12.15 -19.27 -27.75
N TYR A 80 -11.30 -20.24 -27.45
CA TYR A 80 -11.75 -21.49 -26.83
C TYR A 80 -10.92 -21.84 -25.60
N GLN A 81 -11.62 -22.31 -24.56
CA GLN A 81 -10.96 -22.93 -23.43
C GLN A 81 -11.04 -24.45 -23.61
N LEU A 82 -9.90 -25.11 -23.51
CA LEU A 82 -9.83 -26.55 -23.70
C LEU A 82 -9.65 -27.26 -22.35
N SER A 83 -10.17 -28.47 -22.23
CA SER A 83 -9.94 -29.25 -21.02
C SER A 83 -8.49 -29.74 -21.01
N PRO A 84 -7.73 -29.40 -19.96
CA PRO A 84 -6.29 -29.70 -20.05
C PRO A 84 -5.96 -31.18 -20.26
N PHE A 85 -6.75 -32.07 -19.68
CA PHE A 85 -6.48 -33.51 -19.77
C PHE A 85 -7.17 -34.16 -20.96
N ASN A 86 -7.91 -33.37 -21.73
CA ASN A 86 -8.59 -33.87 -22.92
C ASN A 86 -8.84 -32.68 -23.82
N HIS A 87 -7.78 -32.23 -24.49
CA HIS A 87 -7.85 -30.94 -25.17
C HIS A 87 -8.73 -30.91 -26.42
N ALA A 88 -9.18 -32.10 -26.85
CA ALA A 88 -10.22 -32.17 -27.88
C ALA A 88 -11.55 -31.62 -27.38
N HIS A 89 -11.71 -31.56 -26.06
CA HIS A 89 -12.93 -31.05 -25.45
C HIS A 89 -12.82 -29.55 -25.24
N LYS A 90 -13.55 -28.79 -26.04
CA LYS A 90 -13.70 -27.36 -25.81
C LYS A 90 -14.75 -27.17 -24.73
N VAL A 91 -14.32 -26.73 -23.55
CA VAL A 91 -15.25 -26.57 -22.43
C VAL A 91 -15.97 -25.23 -22.51
N ALA A 92 -15.37 -24.27 -23.21
CA ALA A 92 -16.00 -22.98 -23.38
C ALA A 92 -15.60 -22.34 -24.68
N LYS A 93 -16.54 -21.61 -25.27
CA LYS A 93 -16.26 -20.70 -26.37
C LYS A 93 -16.52 -19.34 -25.81
N PHE A 94 -15.55 -18.44 -25.93
CA PHE A 94 -15.74 -17.09 -25.43
C PHE A 94 -15.21 -16.11 -26.47
N CYS A 95 -15.08 -14.85 -26.11
CA CYS A 95 -14.54 -13.91 -27.08
C CYS A 95 -13.76 -12.84 -26.38
N TYR A 96 -12.83 -12.24 -27.12
CA TYR A 96 -12.02 -11.14 -26.61
C TYR A 96 -12.71 -9.81 -26.83
N ALA A 97 -12.84 -9.02 -25.77
CA ALA A 97 -13.33 -7.67 -25.88
C ALA A 97 -12.28 -6.84 -26.62
N ASP A 98 -12.71 -6.06 -27.61
CA ASP A 98 -11.78 -5.16 -28.28
C ASP A 98 -11.64 -3.86 -27.51
N LYS A 99 -10.75 -2.99 -27.97
CA LYS A 99 -10.51 -1.72 -27.30
C LYS A 99 -11.79 -0.93 -27.11
N ALA A 100 -12.63 -0.89 -28.16
CA ALA A 100 -13.89 -0.17 -28.10
C ALA A 100 -14.81 -0.71 -27.01
N LEU A 101 -14.93 -2.04 -26.92
CA LEU A 101 -15.78 -2.62 -25.89
C LEU A 101 -15.23 -2.37 -24.48
N LEU A 102 -13.92 -2.51 -24.32
CA LEU A 102 -13.29 -2.25 -23.02
C LEU A 102 -13.55 -0.82 -22.60
N ASN A 103 -13.45 0.12 -23.53
CA ASN A 103 -13.67 1.52 -23.20
C ASN A 103 -15.13 1.79 -22.82
N ARG A 104 -16.06 1.16 -23.54
CA ARG A 104 -17.46 1.26 -23.15
C ARG A 104 -17.69 0.65 -21.77
N ALA A 105 -16.96 -0.42 -21.47
CA ALA A 105 -17.10 -1.06 -20.17
C ALA A 105 -16.58 -0.12 -19.07
N ILE A 106 -15.49 0.59 -19.34
CA ILE A 106 -14.98 1.58 -18.39
C ILE A 106 -16.02 2.67 -18.18
N ASP A 107 -16.56 3.22 -19.27
CA ASP A 107 -17.52 4.30 -19.16
C ASP A 107 -18.74 3.89 -18.32
N ALA A 108 -19.27 2.71 -18.60
CA ALA A 108 -20.46 2.25 -17.91
C ALA A 108 -20.16 2.00 -16.43
N ALA A 109 -18.99 1.45 -16.13
CA ALA A 109 -18.61 1.19 -14.75
C ALA A 109 -18.46 2.50 -13.99
N LEU A 110 -17.81 3.49 -14.60
CA LEU A 110 -17.61 4.77 -13.92
C LEU A 110 -18.93 5.42 -13.56
N ALA A 111 -19.94 5.27 -14.44
CA ALA A 111 -21.22 5.91 -14.19
C ALA A 111 -22.00 5.23 -13.06
N ALA A 112 -21.64 3.98 -12.74
CA ALA A 112 -22.29 3.23 -11.68
C ALA A 112 -21.56 3.40 -10.34
N ARG A 113 -20.33 3.89 -10.38
CA ARG A 113 -19.47 3.83 -9.20
C ARG A 113 -19.96 4.66 -8.01
N LYS A 114 -20.40 5.89 -8.24
CA LYS A 114 -20.75 6.75 -7.12
C LYS A 114 -21.85 6.14 -6.23
N GLU A 115 -22.90 5.63 -6.86
CA GLU A 115 -24.00 5.05 -6.09
C GLU A 115 -23.55 3.83 -5.28
N TRP A 116 -22.70 3.01 -5.89
CA TRP A 116 -22.19 1.82 -5.24
C TRP A 116 -21.29 2.17 -4.06
N ASP A 117 -20.42 3.14 -4.27
CA ASP A 117 -19.52 3.65 -3.24
C ASP A 117 -20.30 4.25 -2.07
N LEU A 118 -21.45 4.88 -2.37
CA LEU A 118 -22.28 5.48 -1.33
C LEU A 118 -23.10 4.48 -0.52
N LYS A 119 -23.22 3.26 -1.03
CA LYS A 119 -23.92 2.20 -0.32
C LYS A 119 -23.18 1.85 0.97
N PRO A 120 -23.93 1.59 2.06
CA PRO A 120 -23.27 1.20 3.31
C PRO A 120 -22.40 -0.02 3.10
N MET A 121 -21.25 -0.09 3.79
CA MET A 121 -20.35 -1.22 3.67
C MET A 121 -21.09 -2.54 3.86
N ALA A 122 -21.96 -2.59 4.88
CA ALA A 122 -22.70 -3.80 5.18
C ALA A 122 -23.58 -4.26 4.02
N ASP A 123 -24.11 -3.32 3.25
CA ASP A 123 -24.97 -3.66 2.13
C ASP A 123 -24.17 -4.28 0.99
N ARG A 124 -22.96 -3.76 0.77
CA ARG A 124 -22.07 -4.38 -0.19
C ARG A 124 -21.61 -5.73 0.30
N ALA A 125 -21.29 -5.82 1.59
CA ALA A 125 -20.85 -7.09 2.15
C ALA A 125 -21.90 -8.16 1.96
N GLN A 126 -23.17 -7.79 2.06
CA GLN A 126 -24.24 -8.77 1.95
C GLN A 126 -24.18 -9.55 0.63
N VAL A 127 -23.76 -8.90 -0.45
CA VAL A 127 -23.67 -9.56 -1.75
C VAL A 127 -22.68 -10.72 -1.65
N PHE A 128 -21.54 -10.46 -1.02
CA PHE A 128 -20.50 -11.46 -0.92
C PHE A 128 -20.82 -12.56 0.08
N LEU A 129 -21.54 -12.21 1.14
CA LEU A 129 -22.00 -13.22 2.09
C LEU A 129 -23.02 -14.16 1.44
N LYS A 130 -23.93 -13.61 0.64
CA LYS A 130 -24.91 -14.43 -0.07
C LYS A 130 -24.19 -15.31 -1.08
N ALA A 131 -23.25 -14.72 -1.82
CA ALA A 131 -22.46 -15.49 -2.78
C ALA A 131 -21.74 -16.64 -2.09
N ALA A 132 -21.14 -16.37 -0.93
CA ALA A 132 -20.47 -17.41 -0.17
C ALA A 132 -21.41 -18.56 0.20
N ASP A 133 -22.61 -18.24 0.66
CA ASP A 133 -23.58 -19.27 1.00
C ASP A 133 -23.96 -20.12 -0.23
N MET A 134 -24.07 -19.47 -1.38
CA MET A 134 -24.40 -20.17 -2.61
C MET A 134 -23.29 -21.15 -2.99
N LEU A 135 -22.05 -20.66 -2.94
CA LEU A 135 -20.89 -21.49 -3.23
C LEU A 135 -20.76 -22.66 -2.26
N SER A 136 -21.05 -22.42 -0.98
CA SER A 136 -20.95 -23.47 0.03
C SER A 136 -21.92 -24.61 -0.23
N GLY A 137 -23.14 -24.24 -0.61
CA GLY A 137 -24.23 -25.19 -0.76
C GLY A 137 -24.58 -25.54 -2.19
N PRO A 138 -25.60 -24.87 -2.74
CA PRO A 138 -26.18 -25.32 -4.01
C PRO A 138 -25.25 -25.21 -5.22
N ARG A 139 -24.24 -24.36 -5.17
CA ARG A 139 -23.38 -24.18 -6.33
C ARG A 139 -22.00 -24.80 -6.13
N ARG A 140 -21.80 -25.48 -5.01
CA ARG A 140 -20.48 -26.04 -4.72
C ARG A 140 -20.04 -27.01 -5.79
N ALA A 141 -20.91 -27.97 -6.12
CA ALA A 141 -20.55 -28.98 -7.10
C ALA A 141 -20.26 -28.36 -8.46
N GLU A 142 -21.05 -27.37 -8.86
CA GLU A 142 -20.82 -26.68 -10.12
C GLU A 142 -19.44 -26.04 -10.19
N VAL A 143 -19.08 -25.23 -9.21
CA VAL A 143 -17.79 -24.54 -9.31
C VAL A 143 -16.61 -25.50 -9.19
N LEU A 144 -16.76 -26.55 -8.39
CA LEU A 144 -15.74 -27.58 -8.32
C LEU A 144 -15.59 -28.26 -9.68
N ALA A 145 -16.70 -28.72 -10.25
CA ALA A 145 -16.65 -29.44 -11.52
C ALA A 145 -16.06 -28.59 -12.64
N LYS A 146 -16.41 -27.31 -12.67
CA LYS A 146 -15.92 -26.44 -13.74
C LYS A 146 -14.44 -26.18 -13.59
N THR A 147 -13.97 -26.13 -12.35
CA THR A 147 -12.54 -26.00 -12.06
C THR A 147 -11.79 -27.27 -12.42
N MET A 148 -12.39 -28.43 -12.14
CA MET A 148 -11.77 -29.70 -12.52
C MET A 148 -11.65 -29.84 -14.04
N VAL A 149 -12.77 -29.70 -14.73
CA VAL A 149 -12.80 -29.95 -16.17
C VAL A 149 -12.06 -28.86 -16.96
N GLY A 150 -12.19 -27.61 -16.52
CA GLY A 150 -11.61 -26.49 -17.23
C GLY A 150 -10.16 -26.18 -16.89
N GLN A 151 -9.76 -26.41 -15.65
CA GLN A 151 -8.39 -26.13 -15.24
C GLN A 151 -7.58 -27.39 -14.91
N GLY A 152 -8.24 -28.55 -14.95
CA GLY A 152 -7.54 -29.82 -14.73
C GLY A 152 -7.27 -30.19 -13.29
N LYS A 153 -7.98 -29.57 -12.35
CA LYS A 153 -7.81 -29.89 -10.93
C LYS A 153 -8.47 -31.20 -10.55
N THR A 154 -7.89 -31.88 -9.56
CA THR A 154 -8.54 -33.02 -8.95
C THR A 154 -9.58 -32.54 -7.96
N VAL A 155 -10.39 -33.48 -7.48
CA VAL A 155 -11.47 -33.15 -6.53
C VAL A 155 -10.98 -32.27 -5.40
N ILE A 156 -9.94 -32.71 -4.69
CA ILE A 156 -9.52 -31.98 -3.50
C ILE A 156 -8.91 -30.62 -3.85
N GLN A 157 -8.18 -30.54 -4.95
CA GLN A 157 -7.63 -29.23 -5.33
C GLN A 157 -8.75 -28.25 -5.72
N ALA A 158 -9.80 -28.75 -6.37
CA ALA A 158 -10.92 -27.87 -6.70
C ALA A 158 -11.67 -27.48 -5.43
N GLU A 159 -11.85 -28.43 -4.53
CA GLU A 159 -12.51 -28.18 -3.24
C GLU A 159 -11.81 -27.09 -2.42
N ILE A 160 -10.49 -27.17 -2.24
CA ILE A 160 -9.82 -26.17 -1.42
C ILE A 160 -9.77 -24.79 -2.08
N ASP A 161 -9.95 -24.76 -3.40
CA ASP A 161 -9.85 -23.54 -4.20
C ASP A 161 -11.23 -22.91 -4.43
N ALA A 162 -11.98 -23.49 -5.36
CA ALA A 162 -13.22 -22.88 -5.82
C ALA A 162 -14.32 -22.83 -4.76
N ALA A 163 -14.27 -23.77 -3.82
CA ALA A 163 -15.16 -23.72 -2.66
C ALA A 163 -14.49 -23.01 -1.48
N ALA A 164 -13.67 -23.74 -0.72
CA ALA A 164 -13.17 -23.19 0.55
C ALA A 164 -12.45 -21.83 0.48
N GLU A 165 -11.46 -21.69 -0.40
CA GLU A 165 -10.69 -20.44 -0.42
C GLU A 165 -11.57 -19.28 -0.87
N LEU A 166 -12.39 -19.52 -1.89
CA LEU A 166 -13.21 -18.45 -2.43
C LEU A 166 -14.27 -18.01 -1.40
N ILE A 167 -14.92 -19.01 -0.80
CA ILE A 167 -15.91 -18.75 0.25
C ILE A 167 -15.25 -17.97 1.38
N ASP A 168 -14.06 -18.41 1.78
CA ASP A 168 -13.37 -17.74 2.87
C ASP A 168 -12.97 -16.30 2.49
N PHE A 169 -12.49 -16.08 1.28
CA PHE A 169 -12.19 -14.70 0.86
C PHE A 169 -13.43 -13.84 1.05
N PHE A 170 -14.56 -14.33 0.54
CA PHE A 170 -15.80 -13.56 0.61
C PHE A 170 -16.24 -13.30 2.05
N ARG A 171 -16.22 -14.33 2.90
CA ARG A 171 -16.70 -14.14 4.26
C ARG A 171 -15.71 -13.33 5.09
N PHE A 172 -14.43 -13.67 5.02
CA PHE A 172 -13.44 -12.92 5.80
C PHE A 172 -13.29 -11.49 5.34
N ASN A 173 -13.20 -11.25 4.04
CA ASN A 173 -13.11 -9.86 3.60
C ASN A 173 -14.33 -9.05 4.00
N ALA A 174 -15.52 -9.66 3.95
CA ALA A 174 -16.72 -8.98 4.41
C ALA A 174 -16.58 -8.58 5.89
N LYS A 175 -16.11 -9.50 6.71
CA LYS A 175 -15.89 -9.21 8.13
C LYS A 175 -14.87 -8.10 8.30
N PHE A 176 -13.75 -8.21 7.60
CA PHE A 176 -12.71 -7.20 7.76
C PHE A 176 -13.24 -5.83 7.36
N ALA A 177 -14.04 -5.79 6.30
CA ALA A 177 -14.56 -4.52 5.78
C ALA A 177 -15.55 -3.87 6.72
N VAL A 178 -16.49 -4.66 7.23
CA VAL A 178 -17.49 -4.12 8.14
C VAL A 178 -16.81 -3.65 9.41
N GLU A 179 -15.79 -4.39 9.85
CA GLU A 179 -15.07 -4.02 11.07
C GLU A 179 -14.16 -2.80 10.86
N LEU A 180 -13.64 -2.64 9.64
CA LEU A 180 -12.81 -1.47 9.34
C LEU A 180 -13.58 -0.18 9.57
N GLU A 181 -14.86 -0.19 9.21
CA GLU A 181 -15.69 1.00 9.46
C GLU A 181 -15.74 1.41 10.93
N GLY A 182 -15.45 0.47 11.83
CA GLY A 182 -15.43 0.75 13.26
C GLY A 182 -14.14 1.40 13.72
N GLU A 183 -13.13 1.41 12.85
CA GLU A 183 -11.90 2.10 13.17
C GLU A 183 -12.06 3.60 12.92
N GLN A 184 -12.24 4.36 13.99
CA GLN A 184 -12.58 5.76 13.87
C GLN A 184 -11.66 6.61 14.73
N PRO A 185 -11.49 7.88 14.34
CA PRO A 185 -10.56 8.76 15.06
C PRO A 185 -11.12 9.29 16.36
N ILE A 186 -10.27 10.00 17.11
CA ILE A 186 -10.66 10.64 18.35
C ILE A 186 -11.44 11.92 18.06
N SER A 187 -12.56 12.10 18.75
CA SER A 187 -13.30 13.35 18.70
C SER A 187 -13.08 14.14 19.98
N VAL A 188 -12.89 15.44 19.84
CA VAL A 188 -12.70 16.31 21.01
C VAL A 188 -13.64 17.48 20.89
N PRO A 189 -14.51 17.69 21.89
CA PRO A 189 -15.40 18.86 21.80
C PRO A 189 -14.60 20.12 21.46
N PRO A 190 -15.17 21.00 20.60
CA PRO A 190 -16.52 20.95 20.06
C PRO A 190 -16.57 20.39 18.64
N SER A 191 -15.73 19.39 18.34
CA SER A 191 -15.72 18.80 17.00
C SER A 191 -15.93 17.30 17.03
N THR A 192 -16.54 16.80 15.96
CA THR A 192 -16.71 15.37 15.79
C THR A 192 -15.93 14.94 14.56
N ASN A 193 -15.15 13.88 14.68
CA ASN A 193 -14.38 13.38 13.56
C ASN A 193 -14.83 12.00 13.14
N HIS A 194 -14.92 11.77 11.83
CA HIS A 194 -15.36 10.49 11.31
C HIS A 194 -14.59 10.14 10.05
N THR A 195 -14.18 8.88 9.92
CA THR A 195 -13.52 8.42 8.72
C THR A 195 -14.51 7.71 7.82
N VAL A 196 -14.52 8.12 6.56
CA VAL A 196 -15.31 7.51 5.51
C VAL A 196 -14.35 6.71 4.64
N TYR A 197 -14.55 5.40 4.59
CA TYR A 197 -13.67 4.54 3.82
C TYR A 197 -14.15 4.50 2.37
N ARG A 198 -13.78 5.55 1.64
CA ARG A 198 -14.19 5.70 0.24
C ARG A 198 -13.56 4.62 -0.60
N GLY A 199 -14.28 4.16 -1.62
CA GLY A 199 -13.65 3.38 -2.67
C GLY A 199 -12.68 4.29 -3.41
N LEU A 200 -11.80 3.70 -4.20
CA LEU A 200 -10.91 4.48 -5.04
C LEU A 200 -11.74 5.14 -6.15
N GLU A 201 -11.38 6.37 -6.51
CA GLU A 201 -12.09 7.08 -7.57
C GLU A 201 -11.53 6.70 -8.93
N GLY A 202 -12.37 6.11 -9.77
CA GLY A 202 -11.95 5.59 -11.06
C GLY A 202 -12.40 4.15 -11.18
N PHE A 203 -11.69 3.36 -11.98
CA PHE A 203 -11.97 1.92 -12.06
C PHE A 203 -10.70 1.12 -11.79
N VAL A 204 -10.90 -0.10 -11.29
CA VAL A 204 -9.81 -1.03 -11.01
C VAL A 204 -9.80 -2.10 -12.07
N ALA A 205 -8.62 -2.43 -12.57
CA ALA A 205 -8.44 -3.53 -13.51
C ALA A 205 -8.01 -4.76 -12.74
N ALA A 206 -8.82 -5.81 -12.80
CA ALA A 206 -8.48 -7.07 -12.14
C ALA A 206 -8.06 -8.10 -13.17
N ILE A 207 -6.86 -8.64 -12.99
CA ILE A 207 -6.26 -9.52 -13.99
C ILE A 207 -5.84 -10.79 -13.29
N SER A 208 -6.53 -11.88 -13.58
CA SER A 208 -6.40 -13.09 -12.75
C SER A 208 -5.70 -14.23 -13.49
N PRO A 209 -5.12 -15.16 -12.72
CA PRO A 209 -4.33 -16.26 -13.29
C PRO A 209 -5.15 -17.52 -13.48
N PHE A 210 -4.57 -18.48 -14.19
CA PHE A 210 -5.30 -19.69 -14.52
C PHE A 210 -5.49 -20.61 -13.32
N ASN A 211 -4.61 -20.47 -12.32
CA ASN A 211 -4.38 -21.61 -11.43
C ASN A 211 -5.25 -21.71 -10.20
N PHE A 212 -5.97 -20.64 -9.87
CA PHE A 212 -6.93 -20.68 -8.77
C PHE A 212 -8.17 -19.91 -9.14
N THR A 213 -9.29 -20.62 -9.13
CA THR A 213 -10.58 -19.97 -9.35
C THR A 213 -10.83 -18.90 -8.29
N ALA A 214 -10.41 -19.19 -7.06
CA ALA A 214 -10.65 -18.28 -5.95
C ALA A 214 -9.93 -16.96 -6.13
N ILE A 215 -8.74 -16.99 -6.72
CA ILE A 215 -7.96 -15.76 -6.87
C ILE A 215 -8.67 -14.76 -7.78
N GLY A 216 -9.27 -15.24 -8.87
CA GLY A 216 -10.06 -14.37 -9.71
C GLY A 216 -11.19 -13.72 -8.93
N GLY A 217 -11.91 -14.52 -8.15
CA GLY A 217 -13.01 -14.02 -7.34
C GLY A 217 -12.55 -12.95 -6.38
N ASN A 218 -11.38 -13.16 -5.77
CA ASN A 218 -10.84 -12.18 -4.83
C ASN A 218 -10.33 -10.94 -5.51
N LEU A 219 -9.63 -11.11 -6.64
CA LEU A 219 -9.03 -9.96 -7.32
C LEU A 219 -10.08 -8.95 -7.78
N ALA A 220 -11.21 -9.45 -8.27
CA ALA A 220 -12.30 -8.58 -8.69
C ALA A 220 -13.20 -8.24 -7.50
N GLY A 221 -13.41 -9.23 -6.63
CA GLY A 221 -14.39 -9.09 -5.55
C GLY A 221 -13.98 -8.20 -4.40
N ALA A 222 -12.73 -8.29 -3.97
CA ALA A 222 -12.29 -7.48 -2.85
C ALA A 222 -12.37 -5.96 -3.16
N PRO A 223 -11.88 -5.53 -4.33
CA PRO A 223 -12.07 -4.11 -4.64
C PRO A 223 -13.55 -3.72 -4.73
N ALA A 224 -14.38 -4.55 -5.37
CA ALA A 224 -15.81 -4.24 -5.46
C ALA A 224 -16.43 -4.09 -4.07
N LEU A 225 -16.06 -4.98 -3.16
CA LEU A 225 -16.55 -4.93 -1.78
C LEU A 225 -16.29 -3.57 -1.15
N MET A 226 -15.13 -2.99 -1.47
CA MET A 226 -14.73 -1.72 -0.89
C MET A 226 -15.26 -0.50 -1.65
N GLY A 227 -16.23 -0.72 -2.54
CA GLY A 227 -16.88 0.38 -3.22
C GLY A 227 -16.28 0.78 -4.55
N ASN A 228 -15.39 -0.06 -5.07
CA ASN A 228 -14.82 0.17 -6.38
C ASN A 228 -15.64 -0.48 -7.48
N VAL A 229 -15.43 -0.01 -8.70
CA VAL A 229 -15.93 -0.70 -9.89
C VAL A 229 -14.73 -1.30 -10.63
N VAL A 230 -14.97 -2.40 -11.34
CA VAL A 230 -13.88 -3.26 -11.77
C VAL A 230 -14.10 -3.75 -13.19
N LEU A 231 -13.04 -3.70 -14.01
CA LEU A 231 -13.00 -4.48 -15.23
C LEU A 231 -12.20 -5.73 -14.92
N TRP A 232 -12.87 -6.88 -14.98
CA TRP A 232 -12.22 -8.15 -14.68
C TRP A 232 -11.91 -8.89 -15.96
N LYS A 233 -10.61 -9.05 -16.23
CA LYS A 233 -10.15 -9.92 -17.31
C LYS A 233 -9.70 -11.24 -16.73
N PRO A 234 -10.54 -12.26 -16.84
CA PRO A 234 -10.18 -13.57 -16.29
C PRO A 234 -9.15 -14.23 -17.19
N SER A 235 -8.49 -15.25 -16.65
CA SER A 235 -7.58 -16.06 -17.44
C SER A 235 -8.35 -16.89 -18.47
N ASP A 236 -7.89 -16.90 -19.72
CA ASP A 236 -8.50 -17.68 -20.80
C ASP A 236 -8.68 -19.11 -20.35
N THR A 237 -7.66 -19.65 -19.70
CA THR A 237 -7.66 -21.07 -19.38
C THR A 237 -8.42 -21.42 -18.11
N ALA A 238 -9.06 -20.42 -17.49
CA ALA A 238 -9.94 -20.63 -16.35
C ALA A 238 -11.30 -20.00 -16.62
N MET A 239 -11.67 -19.84 -17.89
CA MET A 239 -12.86 -19.07 -18.24
C MET A 239 -14.15 -19.66 -17.65
N LEU A 240 -14.31 -20.97 -17.77
CA LEU A 240 -15.56 -21.63 -17.38
C LEU A 240 -15.89 -21.39 -15.91
N ALA A 241 -14.92 -21.68 -15.05
CA ALA A 241 -15.17 -21.49 -13.63
C ALA A 241 -15.23 -20.01 -13.25
N SER A 242 -14.45 -19.17 -13.92
CA SER A 242 -14.47 -17.74 -13.65
C SER A 242 -15.85 -17.16 -13.95
N TYR A 243 -16.43 -17.52 -15.08
CA TYR A 243 -17.76 -17.03 -15.41
C TYR A 243 -18.80 -17.55 -14.44
N ALA A 244 -18.63 -18.78 -13.95
CA ALA A 244 -19.56 -19.33 -12.97
C ALA A 244 -19.57 -18.47 -11.71
N VAL A 245 -18.38 -18.07 -11.26
CA VAL A 245 -18.27 -17.19 -10.11
C VAL A 245 -18.93 -15.84 -10.39
N TYR A 246 -18.66 -15.29 -11.57
CA TYR A 246 -19.27 -14.02 -11.96
C TYR A 246 -20.81 -14.09 -11.88
N ARG A 247 -21.38 -15.13 -12.47
CA ARG A 247 -22.83 -15.27 -12.47
C ARG A 247 -23.36 -15.40 -11.04
N ILE A 248 -22.64 -16.11 -10.19
CA ILE A 248 -23.06 -16.25 -8.80
C ILE A 248 -23.08 -14.88 -8.10
N LEU A 249 -22.07 -14.07 -8.36
CA LEU A 249 -22.04 -12.72 -7.78
C LEU A 249 -23.23 -11.90 -8.25
N ARG A 250 -23.54 -11.97 -9.54
CA ARG A 250 -24.68 -11.21 -10.06
C ARG A 250 -25.98 -11.72 -9.43
N GLU A 251 -26.13 -13.04 -9.32
CA GLU A 251 -27.36 -13.60 -8.72
C GLU A 251 -27.46 -13.28 -7.24
N ALA A 252 -26.31 -13.10 -6.60
CA ALA A 252 -26.24 -12.76 -5.18
C ALA A 252 -26.56 -11.29 -4.92
N GLY A 253 -26.76 -10.53 -5.98
CA GLY A 253 -27.18 -9.15 -5.85
C GLY A 253 -26.22 -8.07 -6.30
N LEU A 254 -25.09 -8.46 -6.91
CA LEU A 254 -24.18 -7.45 -7.40
C LEU A 254 -24.88 -6.68 -8.51
N PRO A 255 -24.97 -5.36 -8.37
CA PRO A 255 -25.64 -4.55 -9.40
C PRO A 255 -24.88 -4.52 -10.71
N PRO A 256 -25.55 -4.13 -11.80
CA PRO A 256 -24.86 -4.04 -13.08
C PRO A 256 -23.77 -2.98 -13.07
N ASN A 257 -22.71 -3.24 -13.83
CA ASN A 257 -21.63 -2.28 -14.04
C ASN A 257 -20.69 -2.10 -12.87
N ILE A 258 -20.78 -2.99 -11.88
CA ILE A 258 -19.84 -2.94 -10.76
C ILE A 258 -18.65 -3.83 -11.09
N ILE A 259 -18.92 -5.03 -11.58
CA ILE A 259 -17.86 -5.85 -12.17
C ILE A 259 -18.22 -6.16 -13.62
N GLN A 260 -17.37 -5.73 -14.53
CA GLN A 260 -17.57 -6.03 -15.95
C GLN A 260 -16.77 -7.28 -16.25
N PHE A 261 -17.42 -8.26 -16.90
CA PHE A 261 -16.75 -9.52 -17.22
C PHE A 261 -16.19 -9.41 -18.64
N VAL A 262 -14.90 -9.11 -18.73
CA VAL A 262 -14.30 -8.75 -20.03
C VAL A 262 -13.01 -9.52 -20.37
N PRO A 263 -13.17 -10.79 -20.75
CA PRO A 263 -12.07 -11.51 -21.37
C PRO A 263 -11.49 -10.67 -22.49
N ALA A 264 -10.18 -10.75 -22.69
CA ALA A 264 -9.52 -9.96 -23.71
C ALA A 264 -8.12 -10.47 -23.91
N ASP A 265 -7.53 -10.15 -25.05
CA ASP A 265 -6.11 -10.40 -25.26
C ASP A 265 -5.36 -9.60 -24.19
N GLY A 266 -4.35 -10.21 -23.57
CA GLY A 266 -3.68 -9.61 -22.43
C GLY A 266 -3.11 -8.24 -22.74
N PRO A 267 -2.20 -8.16 -23.70
CA PRO A 267 -1.60 -6.87 -24.06
C PRO A 267 -2.66 -5.84 -24.46
N THR A 268 -3.69 -6.25 -25.18
CA THR A 268 -4.75 -5.32 -25.53
C THR A 268 -5.43 -4.77 -24.28
N PHE A 269 -5.69 -5.64 -23.32
CA PHE A 269 -6.33 -5.22 -22.08
C PHE A 269 -5.43 -4.25 -21.30
N GLY A 270 -4.18 -4.65 -21.09
CA GLY A 270 -3.22 -3.80 -20.38
C GLY A 270 -3.04 -2.44 -21.04
N ASP A 271 -2.87 -2.44 -22.36
CA ASP A 271 -2.75 -1.19 -23.10
C ASP A 271 -3.95 -0.29 -22.89
N THR A 272 -5.15 -0.89 -22.96
CA THR A 272 -6.37 -0.11 -22.88
C THR A 272 -6.57 0.47 -21.49
N VAL A 273 -6.44 -0.36 -20.47
CA VAL A 273 -6.70 0.15 -19.13
C VAL A 273 -5.63 1.16 -18.69
N THR A 274 -4.37 0.95 -19.07
CA THR A 274 -3.32 1.89 -18.68
C THR A 274 -3.36 3.18 -19.51
N SER A 275 -4.20 3.18 -20.54
CA SER A 275 -4.41 4.37 -21.37
C SER A 275 -5.58 5.22 -20.90
N SER A 276 -6.33 4.73 -19.92
CA SER A 276 -7.49 5.47 -19.41
C SER A 276 -7.12 6.42 -18.28
N GLU A 277 -7.52 7.68 -18.42
CA GLU A 277 -7.30 8.65 -17.36
C GLU A 277 -7.96 8.23 -16.03
N HIS A 278 -8.90 7.29 -16.10
CA HIS A 278 -9.69 6.90 -14.92
C HIS A 278 -9.19 5.66 -14.20
N LEU A 279 -8.09 5.08 -14.68
CA LEU A 279 -7.50 3.93 -13.99
C LEU A 279 -7.06 4.33 -12.59
N CYS A 280 -7.53 3.61 -11.58
CA CYS A 280 -7.09 3.92 -10.22
C CYS A 280 -6.45 2.73 -9.52
N GLY A 281 -6.48 1.56 -10.15
CA GLY A 281 -5.85 0.41 -9.54
C GLY A 281 -5.70 -0.73 -10.51
N ILE A 282 -4.66 -1.52 -10.31
CA ILE A 282 -4.52 -2.79 -11.00
C ILE A 282 -4.33 -3.85 -9.92
N ASN A 283 -5.21 -4.85 -9.92
CA ASN A 283 -5.10 -5.96 -8.99
C ASN A 283 -4.73 -7.19 -9.79
N PHE A 284 -3.45 -7.57 -9.69
CA PHE A 284 -2.85 -8.55 -10.60
C PHE A 284 -2.31 -9.77 -9.87
N THR A 285 -2.45 -10.92 -10.49
CA THR A 285 -1.71 -12.09 -10.04
C THR A 285 -1.27 -12.85 -11.27
N GLY A 286 0.02 -13.17 -11.33
CA GLY A 286 0.60 -13.76 -12.53
C GLY A 286 2.11 -13.63 -12.53
N SER A 287 2.71 -13.53 -13.71
CA SER A 287 4.17 -13.54 -13.82
C SER A 287 4.79 -12.18 -13.51
N VAL A 288 6.05 -12.21 -13.08
CA VAL A 288 6.84 -11.00 -12.84
C VAL A 288 6.90 -10.08 -14.07
N PRO A 289 7.26 -10.64 -15.25
CA PRO A 289 7.40 -9.75 -16.41
C PRO A 289 6.11 -9.00 -16.75
N THR A 290 4.97 -9.66 -16.61
CA THR A 290 3.71 -8.99 -16.95
C THR A 290 3.43 -7.85 -15.97
N PHE A 291 3.61 -8.12 -14.68
CA PHE A 291 3.42 -7.09 -13.68
C PHE A 291 4.37 -5.89 -13.89
N LYS A 292 5.65 -6.15 -14.17
CA LYS A 292 6.60 -5.08 -14.43
C LYS A 292 6.18 -4.24 -15.64
N HIS A 293 5.68 -4.91 -16.67
CA HIS A 293 5.24 -4.22 -17.88
C HIS A 293 4.10 -3.25 -17.54
N LEU A 294 3.12 -3.73 -16.78
CA LEU A 294 2.00 -2.89 -16.40
C LEU A 294 2.47 -1.73 -15.52
N TRP A 295 3.36 -2.01 -14.58
CA TRP A 295 3.95 -0.97 -13.76
C TRP A 295 4.61 0.12 -14.62
N ARG A 296 5.35 -0.29 -15.64
CA ARG A 296 6.01 0.67 -16.51
C ARG A 296 5.00 1.44 -17.38
N GLN A 297 3.94 0.78 -17.83
CA GLN A 297 2.93 1.49 -18.61
C GLN A 297 2.24 2.57 -17.79
N VAL A 298 1.95 2.26 -16.54
CA VAL A 298 1.34 3.23 -15.65
C VAL A 298 2.29 4.40 -15.46
N ALA A 299 3.56 4.10 -15.18
CA ALA A 299 4.52 5.18 -15.02
C ALA A 299 4.64 6.07 -16.25
N GLN A 300 4.65 5.46 -17.45
CA GLN A 300 4.75 6.23 -18.68
C GLN A 300 3.57 7.20 -18.81
N ASN A 301 2.41 6.77 -18.36
CA ASN A 301 1.19 7.55 -18.52
C ASN A 301 0.76 8.34 -17.27
N LEU A 302 1.66 8.53 -16.31
CA LEU A 302 1.32 9.19 -15.06
C LEU A 302 0.59 10.52 -15.24
N ASP A 303 0.98 11.28 -16.24
CA ASP A 303 0.42 12.62 -16.40
C ASP A 303 -1.03 12.59 -16.83
N ARG A 304 -1.49 11.46 -17.36
CA ARG A 304 -2.87 11.36 -17.84
C ARG A 304 -3.85 11.00 -16.73
N PHE A 305 -3.38 10.31 -15.69
CA PHE A 305 -4.30 9.78 -14.68
C PHE A 305 -4.81 10.87 -13.75
N ARG A 306 -6.10 10.78 -13.41
CA ARG A 306 -6.68 11.70 -12.43
C ARG A 306 -6.10 11.51 -11.04
N THR A 307 -5.69 10.29 -10.71
CA THR A 307 -4.96 10.05 -9.47
C THR A 307 -3.90 8.99 -9.70
N PHE A 308 -3.06 8.77 -8.71
CA PHE A 308 -1.97 7.80 -8.81
C PHE A 308 -2.54 6.39 -8.69
N PRO A 309 -2.46 5.59 -9.77
CA PRO A 309 -3.04 4.24 -9.65
C PRO A 309 -2.27 3.37 -8.65
N ARG A 310 -2.99 2.47 -7.98
CA ARG A 310 -2.40 1.56 -7.00
C ARG A 310 -2.24 0.20 -7.63
N LEU A 311 -1.00 -0.28 -7.68
CA LEU A 311 -0.72 -1.57 -8.26
C LEU A 311 -0.45 -2.61 -7.19
N ALA A 312 -1.20 -3.71 -7.24
CA ALA A 312 -1.00 -4.84 -6.36
C ALA A 312 -0.67 -6.02 -7.27
N GLY A 313 0.40 -6.71 -6.95
CA GLY A 313 0.81 -7.82 -7.79
C GLY A 313 1.39 -8.94 -6.95
N GLU A 314 0.84 -10.13 -7.11
CA GLU A 314 1.48 -11.27 -6.49
C GLU A 314 2.03 -12.11 -7.63
N CYS A 315 3.34 -12.40 -7.57
N CYS A 315 3.31 -12.43 -7.56
CA CYS A 315 4.17 -12.74 -8.75
CA CYS A 315 3.93 -13.09 -8.65
C CYS A 315 4.94 -14.08 -8.79
C CYS A 315 4.53 -14.40 -8.17
N GLY A 316 4.64 -15.01 -7.89
N GLY A 316 5.55 -14.86 -8.88
CA GLY A 316 5.25 -16.33 -7.94
CA GLY A 316 6.02 -16.22 -8.72
C GLY A 316 6.52 -16.47 -7.13
C GLY A 316 6.95 -16.42 -7.53
N GLY A 317 7.22 -17.60 -7.29
N GLY A 317 7.31 -17.67 -7.34
CA GLY A 317 8.44 -17.84 -6.54
CA GLY A 317 8.24 -18.07 -6.29
C GLY A 317 9.25 -19.07 -6.96
C GLY A 317 9.11 -19.20 -6.78
N LYS A 318 10.27 -19.36 -6.16
CA LYS A 318 11.07 -20.57 -6.35
C LYS A 318 11.22 -21.12 -4.95
N ASN A 319 10.23 -21.89 -4.51
CA ASN A 319 10.08 -22.15 -3.09
C ASN A 319 10.83 -23.37 -2.62
N PHE A 320 11.30 -23.29 -1.38
CA PHE A 320 12.18 -24.32 -0.83
C PHE A 320 11.52 -25.18 0.25
N HIS A 321 11.95 -26.44 0.32
CA HIS A 321 11.82 -27.23 1.54
C HIS A 321 13.24 -27.53 1.98
N PHE A 322 13.59 -27.07 3.18
CA PHE A 322 14.93 -27.28 3.72
C PHE A 322 14.84 -28.29 4.85
N VAL A 323 15.65 -29.33 4.78
CA VAL A 323 15.58 -30.43 5.74
C VAL A 323 16.83 -30.45 6.61
N HIS A 324 16.64 -30.46 7.92
CA HIS A 324 17.73 -30.69 8.87
C HIS A 324 17.74 -32.18 9.24
N SER A 325 18.89 -32.66 9.68
CA SER A 325 19.07 -34.09 9.94
C SER A 325 18.10 -34.65 10.99
N SER A 326 17.53 -33.77 11.81
CA SER A 326 16.60 -34.16 12.86
C SER A 326 15.15 -34.28 12.39
N ALA A 327 14.93 -33.99 11.10
CA ALA A 327 13.59 -34.00 10.53
C ALA A 327 12.88 -35.34 10.63
N ASP A 328 11.56 -35.30 10.70
CA ASP A 328 10.74 -36.48 10.52
C ASP A 328 10.68 -36.82 9.02
N VAL A 329 11.34 -37.90 8.64
CA VAL A 329 11.45 -38.26 7.23
C VAL A 329 10.09 -38.46 6.54
N ASP A 330 9.17 -39.15 7.19
CA ASP A 330 7.88 -39.36 6.53
C ASP A 330 7.14 -38.06 6.24
N SER A 331 7.23 -37.09 7.16
CA SER A 331 6.65 -35.76 6.93
C SER A 331 7.35 -35.03 5.79
N VAL A 332 8.67 -35.12 5.74
CA VAL A 332 9.41 -34.53 4.62
C VAL A 332 8.91 -35.11 3.30
N VAL A 333 8.77 -36.43 3.26
CA VAL A 333 8.41 -37.10 2.02
C VAL A 333 7.00 -36.76 1.58
N SER A 334 6.00 -36.95 2.44
CA SER A 334 4.62 -36.63 2.06
CA SER A 334 4.63 -36.64 2.03
C SER A 334 4.42 -35.14 1.79
N GLY A 335 4.98 -34.29 2.65
CA GLY A 335 4.84 -32.86 2.47
C GLY A 335 5.48 -32.36 1.19
N THR A 336 6.65 -32.90 0.87
CA THR A 336 7.33 -32.49 -0.36
C THR A 336 6.63 -33.03 -1.62
N LEU A 337 6.17 -34.27 -1.58
CA LEU A 337 5.40 -34.80 -2.71
C LEU A 337 4.15 -33.96 -2.97
N ARG A 338 3.43 -33.60 -1.91
CA ARG A 338 2.27 -32.74 -2.09
C ARG A 338 2.65 -31.35 -2.59
N SER A 339 3.63 -30.72 -1.93
CA SER A 339 3.98 -29.37 -2.33
C SER A 339 4.48 -29.30 -3.76
N ALA A 340 5.31 -30.27 -4.15
CA ALA A 340 5.95 -30.22 -5.46
C ALA A 340 5.00 -30.60 -6.59
N PHE A 341 4.08 -31.51 -6.31
CA PHE A 341 3.34 -32.14 -7.41
C PHE A 341 1.83 -31.91 -7.43
N GLU A 342 1.23 -31.50 -6.32
CA GLU A 342 -0.22 -31.25 -6.37
C GLU A 342 -0.52 -30.18 -7.41
N TYR A 343 -1.62 -30.36 -8.13
CA TYR A 343 -1.97 -29.53 -9.27
C TYR A 343 -0.79 -29.35 -10.24
N GLY A 344 -0.01 -30.42 -10.41
CA GLY A 344 1.11 -30.40 -11.35
C GLY A 344 2.18 -29.38 -11.02
N GLY A 345 2.28 -29.01 -9.74
CA GLY A 345 3.25 -28.00 -9.33
C GLY A 345 2.89 -26.60 -9.79
N GLN A 346 1.65 -26.41 -10.25
CA GLN A 346 1.25 -25.14 -10.82
C GLN A 346 0.73 -24.19 -9.74
N LYS A 347 1.57 -23.97 -8.74
CA LYS A 347 1.25 -23.05 -7.64
C LYS A 347 2.41 -22.12 -7.42
N CYS A 348 2.10 -20.86 -7.14
CA CYS A 348 3.11 -19.88 -6.81
C CYS A 348 3.91 -20.32 -5.60
N SER A 349 3.33 -21.21 -4.80
CA SER A 349 3.85 -21.62 -3.52
C SER A 349 4.50 -23.00 -3.55
N ALA A 350 4.46 -23.66 -4.70
CA ALA A 350 4.93 -25.05 -4.81
C ALA A 350 6.42 -25.21 -4.53
N CYS A 351 6.77 -26.24 -3.77
CA CYS A 351 8.17 -26.55 -3.54
C CYS A 351 8.81 -27.00 -4.84
N SER A 352 9.88 -26.33 -5.27
CA SER A 352 10.64 -26.79 -6.42
C SER A 352 12.13 -27.01 -6.13
N ARG A 353 12.57 -26.67 -4.93
CA ARG A 353 13.93 -26.97 -4.52
C ARG A 353 13.91 -27.56 -3.12
N LEU A 354 14.48 -28.76 -3.00
CA LEU A 354 14.54 -29.50 -1.74
C LEU A 354 16.01 -29.66 -1.36
N TYR A 355 16.34 -29.30 -0.13
CA TYR A 355 17.71 -29.39 0.38
C TYR A 355 17.74 -30.46 1.46
N VAL A 356 18.58 -31.47 1.24
CA VAL A 356 18.60 -32.64 2.11
C VAL A 356 20.00 -32.89 2.64
N PRO A 357 20.13 -33.18 3.94
CA PRO A 357 21.47 -33.49 4.43
C PRO A 357 21.89 -34.89 4.02
N LYS A 358 23.17 -35.07 3.75
CA LYS A 358 23.69 -36.35 3.29
C LYS A 358 23.24 -37.53 4.18
N SER A 359 23.24 -37.33 5.50
CA SER A 359 22.87 -38.41 6.42
C SER A 359 21.45 -38.96 6.22
N LEU A 360 20.54 -38.13 5.72
CA LEU A 360 19.14 -38.54 5.49
C LEU A 360 18.84 -38.87 4.03
N TRP A 361 19.79 -38.61 3.15
CA TRP A 361 19.49 -38.72 1.72
C TRP A 361 19.13 -40.15 1.30
N PRO A 362 19.87 -41.18 1.77
CA PRO A 362 19.44 -42.52 1.36
C PRO A 362 17.99 -42.82 1.72
N GLN A 363 17.55 -42.40 2.91
CA GLN A 363 16.16 -42.57 3.29
C GLN A 363 15.22 -41.77 2.40
N ILE A 364 15.50 -40.48 2.26
CA ILE A 364 14.57 -39.62 1.54
C ILE A 364 14.55 -39.96 0.05
N LYS A 365 15.70 -40.27 -0.52
CA LYS A 365 15.75 -40.67 -1.92
C LYS A 365 14.94 -41.94 -2.14
N GLY A 366 15.17 -42.95 -1.32
CA GLY A 366 14.46 -44.21 -1.49
C GLY A 366 12.96 -44.05 -1.39
N ARG A 367 12.52 -43.27 -0.41
CA ARG A 367 11.09 -43.07 -0.19
C ARG A 367 10.47 -42.22 -1.31
N LEU A 368 11.13 -41.13 -1.69
CA LEU A 368 10.61 -40.33 -2.79
C LEU A 368 10.43 -41.16 -4.06
N LEU A 369 11.42 -41.99 -4.39
CA LEU A 369 11.39 -42.75 -5.64
C LEU A 369 10.34 -43.86 -5.59
N GLU A 370 10.18 -44.49 -4.43
CA GLU A 370 9.15 -45.51 -4.29
C GLU A 370 7.75 -44.90 -4.37
N GLU A 371 7.52 -43.82 -3.61
CA GLU A 371 6.21 -43.19 -3.64
C GLU A 371 5.91 -42.62 -5.03
N HIS A 372 6.94 -42.07 -5.68
CA HIS A 372 6.78 -41.55 -7.05
C HIS A 372 6.14 -42.59 -7.97
N SER A 373 6.56 -43.85 -7.85
CA SER A 373 6.08 -44.88 -8.76
C SER A 373 4.58 -45.14 -8.61
N ARG A 374 4.02 -44.71 -7.48
CA ARG A 374 2.61 -44.90 -7.20
C ARG A 374 1.74 -43.70 -7.54
N ILE A 375 2.35 -42.58 -7.91
CA ILE A 375 1.57 -41.39 -8.23
C ILE A 375 0.83 -41.58 -9.54
N LYS A 376 -0.50 -41.49 -9.48
CA LYS A 376 -1.34 -41.63 -10.67
C LYS A 376 -1.58 -40.27 -11.32
N VAL A 377 -1.17 -40.16 -12.57
CA VAL A 377 -1.47 -38.99 -13.39
C VAL A 377 -2.49 -39.41 -14.43
N GLY A 378 -3.63 -38.72 -14.47
CA GLY A 378 -4.69 -39.10 -15.39
C GLY A 378 -5.87 -38.16 -15.31
N ASP A 379 -7.01 -38.66 -15.77
CA ASP A 379 -8.24 -37.88 -15.90
C ASP A 379 -8.89 -37.74 -14.51
N PRO A 380 -8.95 -36.51 -13.98
CA PRO A 380 -9.43 -36.32 -12.60
C PRO A 380 -10.94 -36.43 -12.46
N ALA A 381 -11.67 -36.28 -13.57
CA ALA A 381 -13.12 -36.43 -13.56
C ALA A 381 -13.51 -37.90 -13.59
N GLU A 382 -12.76 -38.68 -14.37
CA GLU A 382 -13.05 -40.10 -14.56
C GLU A 382 -12.42 -41.00 -13.49
N ASP A 383 -11.30 -40.57 -12.93
CA ASP A 383 -10.54 -41.40 -12.00
C ASP A 383 -10.18 -40.59 -10.76
N PHE A 384 -10.96 -40.77 -9.70
CA PHE A 384 -10.70 -40.04 -8.47
C PHE A 384 -9.43 -40.53 -7.77
N GLY A 385 -8.83 -41.61 -8.28
CA GLY A 385 -7.54 -42.06 -7.77
C GLY A 385 -6.39 -41.19 -8.24
N THR A 386 -6.67 -40.31 -9.20
CA THR A 386 -5.66 -39.43 -9.78
C THR A 386 -5.04 -38.52 -8.72
N PHE A 387 -3.71 -38.50 -8.63
CA PHE A 387 -3.08 -37.55 -7.71
C PHE A 387 -3.07 -36.14 -8.30
N PHE A 388 -2.62 -36.01 -9.54
CA PHE A 388 -2.74 -34.78 -10.29
C PHE A 388 -2.86 -35.09 -11.78
N SER A 389 -3.27 -34.09 -12.55
CA SER A 389 -3.58 -34.30 -13.96
C SER A 389 -2.69 -33.42 -14.85
N ALA A 390 -3.12 -33.28 -16.11
CA ALA A 390 -2.38 -32.51 -17.11
C ALA A 390 -2.14 -31.08 -16.67
N VAL A 391 -1.05 -30.49 -17.16
CA VAL A 391 -0.80 -29.07 -16.96
C VAL A 391 -1.74 -28.26 -17.85
N ILE A 392 -1.77 -26.94 -17.64
CA ILE A 392 -2.91 -26.16 -18.09
C ILE A 392 -3.08 -26.02 -19.61
N ASP A 393 -2.00 -25.86 -20.34
CA ASP A 393 -2.11 -25.60 -21.78
C ASP A 393 -0.85 -25.96 -22.56
N ALA A 394 -0.91 -25.79 -23.87
CA ALA A 394 0.21 -26.15 -24.74
C ALA A 394 1.46 -25.33 -24.44
N LYS A 395 1.28 -24.05 -24.13
CA LYS A 395 2.41 -23.20 -23.81
C LYS A 395 3.11 -23.70 -22.54
N ALA A 396 2.34 -24.03 -21.51
CA ALA A 396 2.94 -24.52 -20.26
C ALA A 396 3.66 -25.84 -20.52
N PHE A 397 3.02 -26.70 -21.31
CA PHE A 397 3.60 -28.00 -21.64
C PHE A 397 4.95 -27.80 -22.31
N ALA A 398 5.01 -26.87 -23.26
CA ALA A 398 6.25 -26.59 -23.98
C ALA A 398 7.35 -26.06 -23.06
N ARG A 399 6.98 -25.15 -22.17
CA ARG A 399 7.97 -24.59 -21.24
C ARG A 399 8.53 -25.69 -20.33
N ILE A 400 7.64 -26.52 -19.80
CA ILE A 400 8.07 -27.59 -18.91
C ILE A 400 8.94 -28.61 -19.64
N LYS A 401 8.56 -28.96 -20.86
CA LYS A 401 9.37 -29.86 -21.68
C LYS A 401 10.78 -29.29 -21.86
N LYS A 402 10.90 -27.98 -22.09
CA LYS A 402 12.22 -27.37 -22.20
C LYS A 402 13.06 -27.60 -20.95
N TRP A 403 12.44 -27.50 -19.78
CA TRP A 403 13.16 -27.77 -18.55
C TRP A 403 13.56 -29.23 -18.39
N LEU A 404 12.70 -30.15 -18.82
CA LEU A 404 13.04 -31.57 -18.78
C LEU A 404 14.22 -31.86 -19.72
N GLU A 405 14.20 -31.24 -20.90
CA GLU A 405 15.28 -31.39 -21.86
C GLU A 405 16.58 -30.80 -21.31
N HIS A 406 16.46 -29.68 -20.59
CA HIS A 406 17.61 -29.10 -19.91
C HIS A 406 18.19 -30.08 -18.86
N ALA A 407 17.30 -30.73 -18.11
CA ALA A 407 17.74 -31.69 -17.09
C ALA A 407 18.49 -32.86 -17.73
N ARG A 408 18.08 -33.25 -18.92
CA ARG A 408 18.74 -34.34 -19.63
CA ARG A 408 18.75 -34.34 -19.64
C ARG A 408 20.08 -33.91 -20.21
N SER A 409 20.25 -32.60 -20.38
CA SER A 409 21.46 -32.05 -20.99
C SER A 409 22.55 -31.71 -19.99
N SER A 410 22.16 -31.12 -18.87
CA SER A 410 23.11 -30.56 -17.91
C SER A 410 23.92 -31.63 -17.20
N PRO A 411 25.24 -31.44 -17.11
CA PRO A 411 26.12 -32.40 -16.46
C PRO A 411 25.88 -32.46 -14.95
N SER A 412 25.29 -31.41 -14.39
CA SER A 412 25.07 -31.35 -12.95
CA SER A 412 25.09 -31.40 -12.94
C SER A 412 23.70 -31.88 -12.55
N LEU A 413 22.86 -32.17 -13.54
CA LEU A 413 21.51 -32.61 -13.25
C LEU A 413 21.31 -34.07 -13.64
N SER A 414 20.63 -34.81 -12.78
CA SER A 414 20.27 -36.20 -13.08
CA SER A 414 20.27 -36.18 -13.10
CA SER A 414 20.28 -36.20 -13.07
C SER A 414 18.80 -36.42 -12.79
N ILE A 415 18.08 -36.94 -13.78
CA ILE A 415 16.68 -37.26 -13.55
C ILE A 415 16.63 -38.59 -12.80
N LEU A 416 16.10 -38.53 -11.57
CA LEU A 416 16.04 -39.71 -10.71
C LEU A 416 14.78 -40.51 -10.96
N ALA A 417 13.70 -39.82 -11.33
CA ALA A 417 12.43 -40.47 -11.59
C ALA A 417 11.58 -39.54 -12.45
N GLY A 418 10.74 -40.13 -13.30
CA GLY A 418 9.87 -39.33 -14.14
C GLY A 418 10.62 -38.79 -15.34
N GLY A 419 10.14 -37.65 -15.85
CA GLY A 419 10.76 -37.05 -17.01
C GLY A 419 9.97 -37.27 -18.29
N GLN A 420 8.90 -38.06 -18.20
CA GLN A 420 8.06 -38.34 -19.37
C GLN A 420 7.01 -37.27 -19.57
N CYS A 421 6.64 -37.04 -20.83
CA CYS A 421 5.56 -36.10 -21.14
C CYS A 421 4.96 -36.48 -22.49
N ASN A 422 3.65 -36.23 -22.64
CA ASN A 422 2.90 -36.66 -23.80
C ASN A 422 1.73 -35.71 -23.98
N GLU A 423 1.68 -34.99 -25.10
CA GLU A 423 0.58 -34.04 -25.30
C GLU A 423 -0.45 -34.50 -26.34
N SER A 424 -0.49 -35.81 -26.62
CA SER A 424 -1.41 -36.32 -27.64
C SER A 424 -2.91 -36.23 -27.29
N VAL A 425 -3.24 -36.39 -26.01
CA VAL A 425 -4.63 -36.38 -25.56
C VAL A 425 -4.87 -35.23 -24.59
N GLY A 426 -3.97 -35.11 -23.62
CA GLY A 426 -3.97 -33.99 -22.68
C GLY A 426 -2.55 -33.47 -22.58
N TYR A 427 -2.35 -32.39 -21.84
CA TYR A 427 -0.99 -31.85 -21.66
C TYR A 427 -0.32 -32.55 -20.48
N TYR A 428 -0.04 -33.83 -20.65
CA TYR A 428 0.38 -34.65 -19.55
C TYR A 428 1.89 -34.67 -19.32
N VAL A 429 2.27 -34.29 -18.10
CA VAL A 429 3.65 -34.35 -17.65
C VAL A 429 3.71 -35.17 -16.37
N GLU A 430 4.51 -36.24 -16.37
CA GLU A 430 4.68 -37.03 -15.16
C GLU A 430 5.43 -36.24 -14.11
N PRO A 431 5.22 -36.57 -12.83
CA PRO A 431 6.05 -35.92 -11.83
C PRO A 431 7.51 -36.28 -12.09
N CYS A 432 8.40 -35.32 -11.90
CA CYS A 432 9.80 -35.52 -12.20
C CYS A 432 10.63 -35.10 -10.99
N ILE A 433 11.57 -35.97 -10.59
CA ILE A 433 12.47 -35.68 -9.49
C ILE A 433 13.89 -35.69 -10.05
N ILE A 434 14.58 -34.57 -9.84
CA ILE A 434 15.92 -34.35 -10.38
C ILE A 434 16.87 -34.07 -9.23
N GLU A 435 18.08 -34.63 -9.29
CA GLU A 435 19.11 -34.23 -8.35
C GLU A 435 20.08 -33.28 -9.03
N SER A 436 20.38 -32.16 -8.38
CA SER A 436 21.40 -31.25 -8.87
C SER A 436 22.63 -31.31 -7.98
N LYS A 437 23.81 -31.44 -8.58
CA LYS A 437 25.05 -31.34 -7.83
C LYS A 437 25.47 -29.88 -7.63
N ASP A 438 24.79 -28.98 -8.34
CA ASP A 438 25.11 -27.56 -8.32
C ASP A 438 23.98 -26.81 -7.64
N PRO A 439 24.21 -26.27 -6.43
CA PRO A 439 23.12 -25.61 -5.72
C PRO A 439 22.66 -24.32 -6.42
N GLN A 440 23.44 -23.84 -7.39
CA GLN A 440 23.17 -22.60 -8.10
C GLN A 440 22.74 -22.83 -9.56
N GLU A 441 22.44 -24.07 -9.92
CA GLU A 441 22.01 -24.37 -11.28
C GLU A 441 20.79 -23.53 -11.64
N PRO A 442 20.67 -23.13 -12.91
CA PRO A 442 19.45 -22.41 -13.29
C PRO A 442 18.14 -23.09 -12.85
N ILE A 443 18.09 -24.42 -12.85
CA ILE A 443 16.86 -25.11 -12.45
C ILE A 443 16.56 -24.90 -10.95
N MET A 444 17.58 -24.53 -10.16
CA MET A 444 17.38 -24.20 -8.75
C MET A 444 16.88 -22.76 -8.54
N LYS A 445 16.85 -21.97 -9.61
CA LYS A 445 16.58 -20.54 -9.51
C LYS A 445 15.31 -20.10 -10.21
N GLU A 446 14.97 -20.77 -11.32
CA GLU A 446 13.92 -20.28 -12.21
C GLU A 446 12.61 -21.03 -12.01
N GLU A 447 11.50 -20.30 -11.97
CA GLU A 447 10.18 -20.88 -11.73
C GLU A 447 9.69 -21.62 -12.97
N ILE A 448 9.41 -22.91 -12.80
CA ILE A 448 9.02 -23.78 -13.92
C ILE A 448 7.49 -23.89 -14.01
N PHE A 449 6.82 -23.87 -12.85
CA PHE A 449 5.36 -24.03 -12.82
C PHE A 449 4.93 -25.35 -13.47
N GLY A 450 5.64 -26.40 -13.08
CA GLY A 450 5.34 -27.75 -13.53
C GLY A 450 5.75 -28.71 -12.43
N PRO A 451 5.50 -30.01 -12.64
CA PRO A 451 5.72 -30.98 -11.57
C PRO A 451 7.16 -31.46 -11.60
N VAL A 452 8.07 -30.53 -11.28
CA VAL A 452 9.50 -30.73 -11.46
C VAL A 452 10.24 -30.29 -10.19
N LEU A 453 10.68 -31.28 -9.42
CA LEU A 453 11.35 -31.06 -8.14
C LEU A 453 12.83 -31.30 -8.28
N THR A 454 13.63 -30.33 -7.85
CA THR A 454 15.08 -30.48 -7.88
C THR A 454 15.59 -30.60 -6.46
N VAL A 455 16.48 -31.57 -6.24
CA VAL A 455 17.03 -31.87 -4.92
C VAL A 455 18.52 -31.56 -4.89
N TYR A 456 18.95 -30.85 -3.85
CA TYR A 456 20.37 -30.65 -3.58
C TYR A 456 20.72 -31.29 -2.25
N VAL A 457 21.74 -32.14 -2.28
CA VAL A 457 22.20 -32.85 -1.09
C VAL A 457 23.43 -32.15 -0.53
N TYR A 458 23.34 -31.74 0.73
CA TYR A 458 24.44 -31.01 1.36
C TYR A 458 25.06 -31.84 2.50
N PRO A 459 26.38 -31.68 2.72
CA PRO A 459 27.05 -32.37 3.82
C PRO A 459 26.50 -31.87 5.15
N ASP A 460 26.22 -32.77 6.08
CA ASP A 460 25.62 -32.35 7.34
C ASP A 460 26.35 -31.19 8.02
N ASP A 461 27.68 -31.20 7.95
CA ASP A 461 28.47 -30.20 8.67
C ASP A 461 28.45 -28.82 8.01
N LYS A 462 27.88 -28.76 6.81
CA LYS A 462 27.80 -27.52 6.05
C LYS A 462 26.37 -26.98 6.09
N TYR A 463 25.67 -27.32 7.16
CA TYR A 463 24.26 -26.95 7.27
CA TYR A 463 24.28 -26.95 7.33
C TYR A 463 24.04 -25.44 7.29
N ARG A 464 24.85 -24.70 8.04
CA ARG A 464 24.67 -23.25 8.10
C ARG A 464 24.98 -22.59 6.76
N GLU A 465 26.05 -23.03 6.12
CA GLU A 465 26.40 -22.55 4.78
C GLU A 465 25.23 -22.79 3.82
N THR A 466 24.56 -23.91 3.99
CA THR A 466 23.48 -24.25 3.08
C THR A 466 22.24 -23.41 3.37
N LEU A 467 21.95 -23.17 4.64
CA LEU A 467 20.88 -22.24 4.99
C LEU A 467 21.10 -20.88 4.31
N LYS A 468 22.35 -20.42 4.29
CA LYS A 468 22.67 -19.17 3.62
C LYS A 468 22.35 -19.27 2.13
N LEU A 469 22.67 -20.43 1.54
CA LEU A 469 22.36 -20.64 0.12
C LEU A 469 20.87 -20.63 -0.16
N VAL A 470 20.09 -21.17 0.77
CA VAL A 470 18.64 -21.14 0.58
C VAL A 470 18.19 -19.70 0.41
N ASP A 471 18.74 -18.82 1.23
CA ASP A 471 18.40 -17.40 1.19
C ASP A 471 18.96 -16.64 -0.01
N SER A 472 20.17 -16.98 -0.46
CA SER A 472 20.87 -16.15 -1.44
C SER A 472 20.73 -16.60 -2.90
N THR A 473 20.26 -17.83 -3.11
CA THR A 473 20.34 -18.42 -4.44
C THR A 473 19.39 -17.80 -5.46
N THR A 474 18.16 -17.54 -5.06
CA THR A 474 17.12 -17.09 -5.99
C THR A 474 16.76 -15.63 -5.80
N SER A 475 15.92 -15.15 -6.71
CA SER A 475 15.43 -13.77 -6.69
CA SER A 475 15.44 -13.77 -6.68
C SER A 475 14.12 -13.66 -5.93
N TYR A 476 13.62 -14.79 -5.45
CA TYR A 476 12.25 -14.85 -4.95
C TYR A 476 12.13 -14.89 -3.43
N GLY A 477 10.93 -14.61 -2.93
CA GLY A 477 10.75 -14.54 -1.49
C GLY A 477 9.38 -14.97 -1.04
N LEU A 478 8.81 -15.99 -1.71
CA LEU A 478 7.41 -16.34 -1.49
C LEU A 478 7.19 -17.36 -0.37
N THR A 479 7.36 -18.65 -0.63
CA THR A 479 7.16 -19.63 0.45
C THR A 479 8.39 -20.48 0.70
N GLY A 480 8.43 -21.10 1.87
CA GLY A 480 9.49 -22.04 2.18
C GLY A 480 9.18 -22.74 3.46
N ALA A 481 9.75 -23.92 3.63
CA ALA A 481 9.56 -24.72 4.82
C ALA A 481 10.88 -25.21 5.34
N VAL A 482 10.98 -25.32 6.66
CA VAL A 482 12.08 -26.02 7.32
C VAL A 482 11.50 -27.22 8.05
N PHE A 483 12.11 -28.39 7.84
CA PHE A 483 11.75 -29.60 8.57
C PHE A 483 12.86 -29.92 9.53
N ALA A 484 12.54 -29.92 10.83
CA ALA A 484 13.54 -30.12 11.87
C ALA A 484 12.81 -30.38 13.18
N GLN A 485 13.41 -31.19 14.05
CA GLN A 485 12.84 -31.44 15.37
C GLN A 485 13.83 -31.05 16.46
N ASP A 486 14.55 -29.97 16.20
CA ASP A 486 15.55 -29.44 17.11
C ASP A 486 15.21 -27.96 17.28
N LYS A 487 14.89 -27.56 18.50
CA LYS A 487 14.37 -26.21 18.74
C LYS A 487 15.38 -25.14 18.37
N ALA A 488 16.64 -25.31 18.77
CA ALA A 488 17.66 -24.32 18.44
C ALA A 488 17.83 -24.17 16.93
N ILE A 489 17.80 -25.29 16.20
CA ILE A 489 17.90 -25.24 14.74
C ILE A 489 16.73 -24.49 14.12
N VAL A 490 15.53 -24.79 14.61
CA VAL A 490 14.34 -24.10 14.09
C VAL A 490 14.42 -22.60 14.35
N GLN A 491 14.84 -22.21 15.55
CA GLN A 491 14.98 -20.80 15.86
C GLN A 491 16.02 -20.11 14.98
N GLU A 492 17.15 -20.78 14.76
CA GLU A 492 18.21 -20.22 13.91
C GLU A 492 17.73 -20.11 12.48
N ALA A 493 17.14 -21.18 11.97
CA ALA A 493 16.67 -21.19 10.59
C ALA A 493 15.60 -20.13 10.36
N THR A 494 14.71 -19.97 11.35
CA THR A 494 13.67 -18.97 11.25
C THR A 494 14.24 -17.56 11.12
N ARG A 495 15.23 -17.25 11.95
CA ARG A 495 15.88 -15.95 11.87
CA ARG A 495 15.88 -15.95 11.87
C ARG A 495 16.60 -15.76 10.53
N MET A 496 17.35 -16.78 10.11
CA MET A 496 18.15 -16.67 8.89
C MET A 496 17.31 -16.52 7.63
N LEU A 497 16.12 -17.11 7.63
CA LEU A 497 15.30 -17.13 6.43
C LEU A 497 14.15 -16.12 6.46
N ARG A 498 14.24 -15.18 7.40
CA ARG A 498 13.24 -14.14 7.60
C ARG A 498 12.74 -13.48 6.32
N ASN A 499 13.64 -13.21 5.38
CA ASN A 499 13.24 -12.57 4.13
C ASN A 499 13.27 -13.47 2.91
N ALA A 500 13.54 -14.74 3.15
CA ALA A 500 13.51 -15.73 2.07
C ALA A 500 12.10 -16.24 1.77
N ALA A 501 11.16 -15.98 2.69
CA ALA A 501 9.80 -16.47 2.53
C ALA A 501 8.81 -15.60 3.28
N GLY A 502 7.78 -15.11 2.58
CA GLY A 502 6.71 -14.36 3.22
C GLY A 502 5.69 -15.27 3.86
N ASN A 503 5.64 -16.51 3.40
CA ASN A 503 4.88 -17.56 4.07
C ASN A 503 5.86 -18.67 4.38
N PHE A 504 6.16 -18.80 5.67
CA PHE A 504 7.22 -19.68 6.14
C PHE A 504 6.62 -20.76 7.01
N TYR A 505 7.12 -21.98 6.84
CA TYR A 505 6.51 -23.16 7.45
C TYR A 505 7.53 -23.96 8.23
N ILE A 506 7.16 -24.37 9.43
CA ILE A 506 7.99 -25.26 10.22
C ILE A 506 7.27 -26.60 10.29
N ASN A 507 7.90 -27.63 9.72
CA ASN A 507 7.33 -28.96 9.71
C ASN A 507 5.96 -29.07 9.04
N ASP A 508 5.78 -28.30 7.97
CA ASP A 508 4.62 -28.47 7.10
C ASP A 508 5.01 -28.08 5.69
N LYS A 509 4.15 -28.42 4.73
CA LYS A 509 4.45 -28.16 3.33
C LYS A 509 4.28 -26.69 2.98
N SER A 510 4.95 -26.26 1.91
CA SER A 510 5.02 -24.85 1.56
C SER A 510 3.80 -24.32 0.83
N THR A 511 2.84 -25.19 0.53
CA THR A 511 1.59 -24.80 -0.10
C THR A 511 0.42 -24.86 0.85
N GLY A 512 -0.74 -24.41 0.36
CA GLY A 512 -1.99 -24.63 1.07
C GLY A 512 -2.34 -23.61 2.14
N SER A 513 -1.93 -22.37 1.94
CA SER A 513 -2.34 -21.29 2.82
C SER A 513 -3.86 -21.22 2.92
N VAL A 514 -4.35 -20.95 4.12
CA VAL A 514 -5.77 -20.87 4.39
C VAL A 514 -6.14 -19.46 4.83
N VAL A 515 -7.19 -18.91 4.23
CA VAL A 515 -7.61 -17.54 4.53
C VAL A 515 -7.82 -17.36 6.03
N GLY A 516 -7.30 -16.26 6.57
CA GLY A 516 -7.47 -15.97 7.98
C GLY A 516 -6.46 -16.66 8.88
N GLN A 517 -5.78 -17.68 8.34
CA GLN A 517 -4.81 -18.46 9.11
C GLN A 517 -3.40 -18.20 8.61
N GLN A 518 -3.21 -18.28 7.29
CA GLN A 518 -1.94 -17.87 6.68
C GLN A 518 -2.17 -16.87 5.56
N PRO A 519 -2.36 -15.60 5.93
CA PRO A 519 -2.42 -14.55 4.92
C PRO A 519 -1.23 -14.70 3.97
N PHE A 520 -1.46 -14.55 2.68
CA PHE A 520 -0.50 -15.04 1.69
C PHE A 520 0.18 -13.96 0.90
N GLY A 521 1.49 -14.12 0.70
CA GLY A 521 2.26 -13.22 -0.13
C GLY A 521 3.70 -13.12 0.31
N GLY A 522 4.56 -12.62 -0.57
CA GLY A 522 5.95 -12.44 -0.21
C GLY A 522 6.59 -11.36 -1.05
N ALA A 523 7.80 -10.97 -0.64
CA ALA A 523 8.48 -9.86 -1.28
C ALA A 523 9.64 -10.37 -2.14
N ARG A 524 10.78 -9.69 -2.09
CA ARG A 524 11.78 -9.85 -3.14
C ARG A 524 11.06 -9.79 -4.50
N ALA A 525 11.35 -10.69 -5.45
CA ALA A 525 10.70 -10.57 -6.77
C ALA A 525 9.28 -11.11 -6.79
N SER A 526 8.79 -11.57 -5.66
CA SER A 526 7.52 -12.28 -5.60
C SER A 526 6.28 -11.40 -5.56
N GLY A 527 6.47 -10.09 -5.47
CA GLY A 527 5.36 -9.17 -5.60
C GLY A 527 5.36 -8.08 -4.57
N THR A 528 4.19 -7.45 -4.41
CA THR A 528 4.04 -6.31 -3.51
C THR A 528 3.69 -6.73 -2.07
N ASN A 529 3.36 -8.01 -1.87
CA ASN A 529 3.03 -8.56 -0.55
C ASN A 529 1.95 -7.83 0.22
N ASP A 530 0.77 -7.75 -0.38
CA ASP A 530 -0.37 -7.11 0.29
C ASP A 530 -1.18 -8.05 1.17
N LYS A 531 -0.77 -9.31 1.23
CA LYS A 531 -1.35 -10.30 2.13
C LYS A 531 -2.86 -10.49 2.02
N PRO A 532 -3.34 -10.78 0.79
CA PRO A 532 -4.72 -11.26 0.68
C PRO A 532 -4.89 -12.46 1.59
N GLY A 533 -6.04 -12.55 2.25
CA GLY A 533 -6.29 -13.58 3.24
C GLY A 533 -6.10 -13.08 4.66
N GLY A 534 -5.54 -11.87 4.77
CA GLY A 534 -5.41 -11.21 6.06
C GLY A 534 -6.24 -9.95 6.14
N PRO A 535 -6.24 -9.30 7.31
CA PRO A 535 -7.15 -8.20 7.62
C PRO A 535 -6.77 -6.87 6.96
N HIS A 536 -5.56 -6.77 6.42
CA HIS A 536 -5.09 -5.47 5.91
C HIS A 536 -5.20 -5.33 4.40
N TYR A 537 -5.39 -6.44 3.69
CA TYR A 537 -5.47 -6.41 2.24
C TYR A 537 -6.46 -5.38 1.71
N ILE A 538 -7.64 -5.32 2.33
CA ILE A 538 -8.68 -4.43 1.83
C ILE A 538 -8.28 -2.97 1.89
N LEU A 539 -7.30 -2.63 2.74
CA LEU A 539 -6.88 -1.23 2.83
C LEU A 539 -6.29 -0.71 1.54
N ARG A 540 -5.81 -1.61 0.68
CA ARG A 540 -5.27 -1.16 -0.59
C ARG A 540 -6.38 -0.64 -1.51
N TRP A 541 -7.63 -1.00 -1.21
CA TRP A 541 -8.74 -0.68 -2.11
C TRP A 541 -9.68 0.40 -1.58
N THR A 542 -9.25 1.08 -0.50
CA THR A 542 -9.96 2.23 0.02
C THR A 542 -9.02 3.42 0.11
N SER A 543 -9.56 4.61 -0.12
CA SER A 543 -8.82 5.85 0.03
C SER A 543 -9.59 6.68 1.05
N PRO A 544 -9.19 6.63 2.33
CA PRO A 544 -10.02 7.21 3.38
C PRO A 544 -10.17 8.73 3.29
N GLN A 545 -11.34 9.20 3.70
CA GLN A 545 -11.61 10.61 3.88
C GLN A 545 -11.95 10.79 5.34
N VAL A 546 -11.43 11.84 5.97
CA VAL A 546 -11.79 12.16 7.34
CA VAL A 546 -11.84 12.13 7.32
C VAL A 546 -12.62 13.44 7.34
N ILE A 547 -13.78 13.39 7.97
CA ILE A 547 -14.66 14.53 8.07
C ILE A 547 -14.63 15.06 9.50
N LYS A 548 -14.30 16.34 9.64
CA LYS A 548 -14.37 17.02 10.93
C LYS A 548 -15.51 18.01 10.90
N GLU A 549 -16.45 17.86 11.83
CA GLU A 549 -17.54 18.82 11.95
C GLU A 549 -17.41 19.56 13.28
N THR A 550 -17.43 20.88 13.19
CA THR A 550 -17.31 21.71 14.38
C THR A 550 -18.65 22.31 14.73
N HIS A 551 -19.02 22.22 16.00
CA HIS A 551 -20.40 22.46 16.42
C HIS A 551 -20.61 23.80 17.12
N LYS A 552 -19.55 24.62 17.17
CA LYS A 552 -19.63 25.95 17.74
C LYS A 552 -18.98 26.95 16.77
N PRO A 553 -19.40 28.22 16.83
CA PRO A 553 -18.77 29.23 15.97
C PRO A 553 -17.28 29.29 16.23
N LEU A 554 -16.51 29.76 15.26
N LEU A 554 -16.53 29.71 15.22
CA LEU A 554 -15.04 29.66 15.31
CA LEU A 554 -15.10 29.90 15.38
C LEU A 554 -14.32 30.76 16.11
C LEU A 554 -14.86 31.26 16.01
N GLY A 555 -14.97 31.90 16.30
N GLY A 555 -13.88 31.31 16.91
CA GLY A 555 -14.37 32.99 17.05
CA GLY A 555 -13.55 32.56 17.58
C GLY A 555 -13.36 33.80 16.25
C GLY A 555 -12.77 33.49 16.67
N ASP A 556 -12.47 34.48 16.96
N ASP A 556 -12.11 34.46 17.28
CA ASP A 556 -11.51 35.37 16.33
CA ASP A 556 -11.28 35.43 16.56
C ASP A 556 -10.38 34.62 15.63
C ASP A 556 -10.20 34.69 15.77
N TRP A 557 -9.76 35.28 14.67
CA TRP A 557 -8.63 34.71 13.94
C TRP A 557 -7.32 34.96 14.70
N ARG A 558 -7.32 35.98 15.55
CA ARG A 558 -6.17 36.28 16.39
C ARG A 558 -6.01 35.22 17.48
N TYR A 559 -4.82 35.13 18.05
CA TYR A 559 -4.54 34.23 19.17
C TYR A 559 -4.19 35.05 20.40
N SER A 560 -4.46 34.51 21.58
CA SER A 560 -4.24 35.25 22.83
C SER A 560 -2.79 35.69 23.04
N TYR A 561 -1.83 34.86 22.62
CA TYR A 561 -0.43 35.17 22.87
C TYR A 561 0.02 36.39 22.06
N MET A 562 -0.76 36.77 21.06
CA MET A 562 -0.43 37.89 20.18
C MET A 562 -0.73 39.26 20.81
N GLN A 563 -1.49 39.25 21.90
CA GLN A 563 -2.00 40.50 22.47
C GLN A 563 -1.07 41.04 23.54
N GLY B 18 4.45 -32.73 21.24
CA GLY B 18 4.07 -31.70 20.28
C GLY B 18 4.46 -30.30 20.74
N SER B 19 5.59 -30.20 21.43
CA SER B 19 6.05 -28.93 21.98
C SER B 19 6.29 -27.89 20.89
N HIS B 20 5.96 -26.63 21.19
CA HIS B 20 6.16 -25.54 20.25
C HIS B 20 7.61 -25.09 20.29
N MET B 21 8.27 -25.13 19.15
CA MET B 21 9.66 -24.70 19.08
C MET B 21 9.76 -23.19 18.92
N LEU B 22 8.76 -22.59 18.30
CA LEU B 22 8.66 -21.14 18.28
C LEU B 22 7.68 -20.69 19.35
N ARG B 23 8.15 -19.82 20.22
CA ARG B 23 7.32 -19.27 21.29
C ARG B 23 7.13 -17.78 21.04
N TRP B 24 5.87 -17.34 21.11
CA TRP B 24 5.56 -15.94 20.85
C TRP B 24 5.15 -15.27 22.15
N LYS B 25 5.74 -14.11 22.41
CA LYS B 25 5.50 -13.39 23.65
C LYS B 25 4.24 -12.54 23.56
N HIS B 26 3.61 -12.29 24.71
CA HIS B 26 2.42 -11.46 24.74
C HIS B 26 2.78 -10.05 24.30
N THR B 27 1.87 -9.41 23.58
CA THR B 27 2.09 -8.04 23.11
C THR B 27 1.50 -7.07 24.11
N SER B 28 2.18 -5.95 24.31
CA SER B 28 1.74 -4.95 25.28
C SER B 28 0.89 -3.88 24.61
N SER B 29 0.33 -2.99 25.41
CA SER B 29 -0.43 -1.87 24.87
C SER B 29 0.21 -0.58 25.35
N LEU B 30 -0.15 0.53 24.71
CA LEU B 30 0.39 1.83 25.07
CA LEU B 30 0.40 1.81 25.08
C LEU B 30 -0.72 2.84 25.24
N LYS B 31 -0.66 3.62 26.30
CA LYS B 31 -1.62 4.71 26.49
C LYS B 31 -0.95 6.02 26.13
N VAL B 32 -1.44 6.65 25.06
CA VAL B 32 -0.99 7.98 24.68
C VAL B 32 -2.17 8.92 24.46
N ALA B 33 -1.90 10.21 24.58
CA ALA B 33 -2.90 11.23 24.28
C ALA B 33 -2.20 12.35 23.54
N ASN B 34 -2.98 13.20 22.89
CA ASN B 34 -2.40 14.32 22.17
C ASN B 34 -1.60 15.22 23.08
N GLU B 35 -0.49 15.74 22.57
CA GLU B 35 0.30 16.72 23.29
C GLU B 35 -0.48 18.02 23.45
N PRO B 36 -0.62 18.52 24.69
CA PRO B 36 -1.35 19.78 24.84
C PRO B 36 -0.65 20.96 24.17
N ILE B 37 -1.44 21.80 23.50
CA ILE B 37 -0.94 23.04 22.95
C ILE B 37 -0.79 24.07 24.07
N LEU B 38 0.39 24.69 24.15
CA LEU B 38 0.66 25.69 25.19
C LEU B 38 0.16 27.07 24.76
N ALA B 39 -0.09 27.93 25.75
CA ALA B 39 -0.72 29.24 25.51
C ALA B 39 0.27 30.39 25.26
N PHE B 40 1.49 30.25 25.78
CA PHE B 40 2.50 31.29 25.64
C PHE B 40 2.01 32.64 26.13
N SER B 41 1.26 32.62 27.22
CA SER B 41 0.80 33.86 27.85
C SER B 41 1.97 34.61 28.49
N GLN B 42 1.79 35.91 28.71
CA GLN B 42 2.84 36.72 29.32
C GLN B 42 3.28 36.15 30.66
N GLY B 43 4.60 36.07 30.86
CA GLY B 43 5.16 35.60 32.10
C GLY B 43 5.23 34.08 32.24
N SER B 44 4.66 33.36 31.27
CA SER B 44 4.65 31.90 31.33
C SER B 44 6.04 31.34 31.08
N PRO B 45 6.34 30.18 31.68
CA PRO B 45 7.65 29.55 31.49
C PRO B 45 7.92 29.25 30.03
N GLU B 46 6.92 28.82 29.27
CA GLU B 46 7.16 28.48 27.87
C GLU B 46 7.41 29.73 27.03
N ARG B 47 6.77 30.85 27.36
CA ARG B 47 7.04 32.09 26.64
C ARG B 47 8.46 32.56 26.97
N ASP B 48 8.84 32.48 28.24
CA ASP B 48 10.18 32.89 28.64
C ASP B 48 11.25 32.03 27.97
N ALA B 49 11.02 30.72 27.98
CA ALA B 49 11.97 29.78 27.39
C ALA B 49 12.13 30.00 25.88
N LEU B 50 11.01 30.26 25.21
CA LEU B 50 11.04 30.50 23.76
C LEU B 50 11.78 31.79 23.45
N GLN B 51 11.51 32.83 24.23
CA GLN B 51 12.22 34.09 24.02
C GLN B 51 13.72 33.92 24.20
N LYS B 52 14.11 33.13 25.19
CA LYS B 52 15.53 32.84 25.42
C LYS B 52 16.14 32.07 24.25
N ALA B 53 15.41 31.07 23.76
CA ALA B 53 15.88 30.29 22.63
C ALA B 53 15.98 31.14 21.36
N LEU B 54 15.03 32.05 21.18
CA LEU B 54 15.10 32.96 20.04
C LEU B 54 16.32 33.88 20.14
N LYS B 55 16.56 34.38 21.35
CA LYS B 55 17.73 35.20 21.63
C LYS B 55 19.02 34.42 21.32
N ASP B 56 19.04 33.14 21.71
CA ASP B 56 20.17 32.25 21.45
C ASP B 56 20.47 32.09 19.96
N LEU B 57 19.46 32.25 19.11
CA LEU B 57 19.64 32.05 17.67
C LEU B 57 19.94 33.32 16.91
N LYS B 58 19.67 34.46 17.52
CA LYS B 58 19.86 35.73 16.82
C LYS B 58 21.36 35.93 16.59
N GLY B 59 21.72 36.20 15.34
CA GLY B 59 23.11 36.39 15.00
C GLY B 59 23.93 35.11 14.99
N GLN B 60 23.30 33.96 15.15
CA GLN B 60 24.04 32.69 15.11
C GLN B 60 23.87 31.96 13.78
N THR B 61 24.93 31.28 13.36
CA THR B 61 24.87 30.37 12.23
C THR B 61 25.37 29.02 12.71
N GLU B 62 24.59 27.97 12.55
CA GLU B 62 25.04 26.63 12.90
C GLU B 62 25.64 25.93 11.68
N ALA B 63 26.83 25.38 11.84
CA ALA B 63 27.42 24.55 10.80
C ALA B 63 26.92 23.12 10.99
N ILE B 64 26.09 22.67 10.05
CA ILE B 64 25.41 21.38 10.13
C ILE B 64 26.00 20.40 9.14
N PRO B 65 26.60 19.32 9.65
CA PRO B 65 27.23 18.33 8.78
C PRO B 65 26.23 17.32 8.26
N CYS B 66 26.61 16.54 7.27
CA CYS B 66 25.94 15.27 7.04
C CYS B 66 26.34 14.32 8.17
N VAL B 67 25.45 13.41 8.54
CA VAL B 67 25.77 12.41 9.55
C VAL B 67 25.52 11.03 8.98
N VAL B 68 26.60 10.25 8.86
CA VAL B 68 26.53 8.87 8.41
C VAL B 68 27.06 8.02 9.55
N GLY B 69 26.23 7.13 10.08
CA GLY B 69 26.56 6.47 11.33
C GLY B 69 26.66 7.51 12.43
N ASP B 70 27.83 7.61 13.04
CA ASP B 70 28.10 8.66 14.03
C ASP B 70 29.12 9.66 13.51
N GLU B 71 29.48 9.55 12.24
CA GLU B 71 30.50 10.42 11.65
C GLU B 71 29.88 11.68 11.09
N GLU B 72 30.41 12.83 11.50
CA GLU B 72 30.04 14.11 10.93
C GLU B 72 30.90 14.29 9.68
N VAL B 73 30.26 14.43 8.53
CA VAL B 73 30.98 14.49 7.26
C VAL B 73 30.71 15.80 6.56
N TRP B 74 31.77 16.43 6.08
CA TRP B 74 31.65 17.63 5.27
C TRP B 74 32.10 17.39 3.84
N THR B 75 31.33 17.90 2.90
CA THR B 75 31.75 17.94 1.50
C THR B 75 32.06 19.38 1.16
N SER B 76 32.52 19.60 -0.06
CA SER B 76 32.86 20.96 -0.50
C SER B 76 31.64 21.73 -0.99
N ASP B 77 30.49 21.06 -1.12
CA ASP B 77 29.29 21.68 -1.65
C ASP B 77 28.52 22.38 -0.54
N ILE B 78 29.04 23.54 -0.16
CA ILE B 78 28.52 24.31 0.96
C ILE B 78 27.24 25.05 0.57
N GLN B 79 26.26 25.00 1.46
CA GLN B 79 24.96 25.63 1.21
C GLN B 79 24.55 26.40 2.45
N TYR B 80 23.66 27.36 2.28
CA TYR B 80 23.20 28.15 3.42
C TYR B 80 21.69 28.17 3.51
N GLN B 81 21.19 28.10 4.73
CA GLN B 81 19.79 28.36 5.00
C GLN B 81 19.65 29.77 5.55
N LEU B 82 18.75 30.53 4.96
CA LEU B 82 18.53 31.93 5.35
C LEU B 82 17.27 32.07 6.18
N SER B 83 17.25 33.05 7.08
CA SER B 83 16.02 33.38 7.80
C SER B 83 15.05 34.09 6.86
N PRO B 84 13.85 33.53 6.64
CA PRO B 84 12.98 34.10 5.61
C PRO B 84 12.64 35.58 5.81
N PHE B 85 12.54 36.04 7.06
CA PHE B 85 12.14 37.42 7.35
C PHE B 85 13.34 38.34 7.52
N ASN B 86 14.54 37.78 7.44
CA ASN B 86 15.77 38.55 7.55
C ASN B 86 16.86 37.76 6.82
N HIS B 87 16.81 37.80 5.50
CA HIS B 87 17.61 36.87 4.69
C HIS B 87 19.10 37.16 4.71
N ALA B 88 19.48 38.31 5.25
CA ALA B 88 20.87 38.59 5.58
C ALA B 88 21.41 37.63 6.66
N HIS B 89 20.51 37.06 7.44
CA HIS B 89 20.88 36.13 8.52
C HIS B 89 20.94 34.71 7.96
N LYS B 90 22.16 34.18 7.86
CA LYS B 90 22.35 32.79 7.52
C LYS B 90 22.20 32.01 8.81
N VAL B 91 21.11 31.26 8.93
CA VAL B 91 20.85 30.54 10.18
C VAL B 91 21.62 29.23 10.22
N ALA B 92 21.98 28.70 9.05
CA ALA B 92 22.74 27.45 8.99
C ALA B 92 23.64 27.42 7.79
N LYS B 93 24.81 26.83 7.97
CA LYS B 93 25.68 26.47 6.87
C LYS B 93 25.72 24.95 6.87
N PHE B 94 25.38 24.35 5.74
CA PHE B 94 25.37 22.89 5.67
C PHE B 94 26.05 22.47 4.38
N CYS B 95 26.01 21.18 4.05
CA CYS B 95 26.62 20.77 2.81
C CYS B 95 25.82 19.66 2.18
N TYR B 96 25.93 19.56 0.86
CA TYR B 96 25.24 18.52 0.14
C TYR B 96 26.11 17.26 0.08
N ALA B 97 25.56 16.13 0.50
CA ALA B 97 26.24 14.84 0.34
C ALA B 97 26.47 14.62 -1.16
N ASP B 98 27.66 14.15 -1.52
CA ASP B 98 27.91 13.79 -2.92
C ASP B 98 27.42 12.36 -3.16
N LYS B 99 27.50 11.89 -4.41
CA LYS B 99 27.01 10.56 -4.71
C LYS B 99 27.81 9.50 -3.93
N ALA B 100 29.11 9.71 -3.79
CA ALA B 100 29.93 8.78 -3.01
C ALA B 100 29.41 8.65 -1.58
N LEU B 101 29.14 9.78 -0.94
CA LEU B 101 28.72 9.76 0.44
C LEU B 101 27.34 9.14 0.57
N LEU B 102 26.44 9.46 -0.35
CA LEU B 102 25.13 8.82 -0.36
C LEU B 102 25.24 7.31 -0.49
N ASN B 103 26.11 6.83 -1.37
CA ASN B 103 26.26 5.39 -1.53
C ASN B 103 26.91 4.74 -0.30
N ARG B 104 27.84 5.45 0.32
CA ARG B 104 28.43 4.98 1.57
C ARG B 104 27.35 4.88 2.65
N ALA B 105 26.47 5.87 2.69
CA ALA B 105 25.39 5.90 3.65
C ALA B 105 24.43 4.74 3.45
N ILE B 106 24.11 4.44 2.20
CA ILE B 106 23.30 3.27 1.87
C ILE B 106 23.95 2.00 2.38
N ASP B 107 25.22 1.80 2.05
CA ASP B 107 25.89 0.56 2.41
C ASP B 107 25.87 0.39 3.91
N ALA B 108 26.18 1.46 4.64
CA ALA B 108 26.23 1.40 6.10
C ALA B 108 24.86 1.16 6.71
N ALA B 109 23.82 1.77 6.14
CA ALA B 109 22.47 1.57 6.63
C ALA B 109 22.05 0.10 6.42
N LEU B 110 22.33 -0.43 5.23
CA LEU B 110 22.01 -1.82 4.96
C LEU B 110 22.72 -2.79 5.91
N ALA B 111 23.95 -2.47 6.27
CA ALA B 111 24.71 -3.33 7.17
C ALA B 111 24.15 -3.30 8.59
N ALA B 112 23.39 -2.26 8.92
CA ALA B 112 22.81 -2.11 10.25
C ALA B 112 21.38 -2.63 10.33
N ARG B 113 20.77 -2.88 9.17
CA ARG B 113 19.32 -3.10 9.12
C ARG B 113 18.85 -4.36 9.82
N LYS B 114 19.52 -5.49 9.59
CA LYS B 114 19.01 -6.75 10.11
C LYS B 114 18.87 -6.71 11.63
N GLU B 115 19.88 -6.20 12.31
CA GLU B 115 19.85 -6.12 13.76
C GLU B 115 18.69 -5.23 14.24
N TRP B 116 18.49 -4.10 13.57
CA TRP B 116 17.44 -3.16 13.94
C TRP B 116 16.05 -3.76 13.70
N ASP B 117 15.88 -4.42 12.56
CA ASP B 117 14.64 -5.12 12.22
C ASP B 117 14.32 -6.23 13.24
N LEU B 118 15.35 -6.90 13.74
CA LEU B 118 15.14 -7.98 14.72
C LEU B 118 14.85 -7.49 16.14
N LYS B 119 15.12 -6.21 16.42
CA LYS B 119 14.81 -5.63 17.71
C LYS B 119 13.31 -5.70 17.92
N PRO B 120 12.87 -5.97 19.15
CA PRO B 120 11.43 -5.93 19.43
C PRO B 120 10.83 -4.57 19.10
N MET B 121 9.63 -4.59 18.53
CA MET B 121 8.95 -3.36 18.18
C MET B 121 8.91 -2.40 19.36
N ALA B 122 8.64 -2.93 20.55
CA ALA B 122 8.56 -2.11 21.75
C ALA B 122 9.86 -1.38 22.05
N ASP B 123 10.99 -2.01 21.73
CA ASP B 123 12.29 -1.36 21.95
C ASP B 123 12.53 -0.23 20.96
N ARG B 124 12.11 -0.42 19.72
CA ARG B 124 12.24 0.66 18.74
C ARG B 124 11.30 1.80 19.11
N ALA B 125 10.09 1.46 19.55
CA ALA B 125 9.12 2.47 19.95
C ALA B 125 9.65 3.35 21.08
N GLN B 126 10.41 2.76 21.99
CA GLN B 126 10.94 3.49 23.14
C GLN B 126 11.77 4.69 22.72
N VAL B 127 12.52 4.55 21.63
CA VAL B 127 13.34 5.64 21.13
C VAL B 127 12.44 6.84 20.81
N PHE B 128 11.34 6.57 20.13
CA PHE B 128 10.44 7.64 19.70
C PHE B 128 9.64 8.23 20.86
N LEU B 129 9.28 7.39 21.83
CA LEU B 129 8.62 7.88 23.03
C LEU B 129 9.57 8.78 23.83
N LYS B 130 10.83 8.41 23.92
CA LYS B 130 11.81 9.23 24.63
C LYS B 130 12.01 10.55 23.90
N ALA B 131 12.14 10.49 22.57
CA ALA B 131 12.27 11.69 21.76
C ALA B 131 11.07 12.62 21.94
N ALA B 132 9.88 12.04 21.94
CA ALA B 132 8.66 12.82 22.14
C ALA B 132 8.69 13.56 23.49
N ASP B 133 9.15 12.89 24.53
CA ASP B 133 9.21 13.54 25.84
C ASP B 133 10.26 14.66 25.86
N MET B 134 11.38 14.46 25.16
CA MET B 134 12.40 15.51 25.05
C MET B 134 11.84 16.74 24.34
N LEU B 135 11.16 16.51 23.22
CA LEU B 135 10.52 17.58 22.46
C LEU B 135 9.46 18.32 23.27
N SER B 136 8.71 17.57 24.08
CA SER B 136 7.64 18.17 24.87
C SER B 136 8.19 19.12 25.92
N GLY B 137 9.28 18.70 26.56
CA GLY B 137 9.83 19.41 27.69
C GLY B 137 11.07 20.23 27.38
N PRO B 138 12.26 19.68 27.69
CA PRO B 138 13.50 20.46 27.64
C PRO B 138 13.91 20.98 26.26
N ARG B 139 13.47 20.32 25.19
CA ARG B 139 13.86 20.75 23.86
C ARG B 139 12.78 21.50 23.11
N ARG B 140 11.64 21.75 23.75
CA ARG B 140 10.52 22.40 23.06
C ARG B 140 10.91 23.77 22.54
N ALA B 141 11.48 24.59 23.42
CA ALA B 141 11.81 25.95 23.03
C ALA B 141 12.80 25.96 21.85
N GLU B 142 13.77 25.05 21.89
CA GLU B 142 14.76 24.93 20.82
C GLU B 142 14.12 24.63 19.47
N VAL B 143 13.28 23.60 19.40
CA VAL B 143 12.72 23.23 18.11
C VAL B 143 11.71 24.29 17.63
N LEU B 144 10.98 24.92 18.55
CA LEU B 144 10.12 26.02 18.18
C LEU B 144 10.93 27.17 17.61
N ALA B 145 11.97 27.57 18.33
CA ALA B 145 12.74 28.74 17.91
C ALA B 145 13.43 28.50 16.56
N LYS B 146 13.93 27.28 16.35
CA LYS B 146 14.63 26.98 15.09
C LYS B 146 13.66 26.96 13.92
N THR B 147 12.42 26.55 14.19
CA THR B 147 11.38 26.57 13.17
C THR B 147 10.93 28.00 12.87
N MET B 148 10.85 28.83 13.91
CA MET B 148 10.50 30.23 13.71
C MET B 148 11.57 30.96 12.89
N VAL B 149 12.81 30.87 13.36
CA VAL B 149 13.89 31.63 12.74
C VAL B 149 14.27 31.08 11.36
N GLY B 150 14.25 29.76 11.21
CA GLY B 150 14.70 29.14 9.97
C GLY B 150 13.64 29.02 8.90
N GLN B 151 12.38 28.82 9.31
CA GLN B 151 11.28 28.65 8.35
C GLN B 151 10.28 29.80 8.36
N GLY B 152 10.44 30.74 9.29
CA GLY B 152 9.60 31.94 9.31
C GLY B 152 8.24 31.78 9.99
N LYS B 153 8.08 30.74 10.80
CA LYS B 153 6.83 30.53 11.52
C LYS B 153 6.66 31.44 12.72
N THR B 154 5.41 31.78 13.01
CA THR B 154 5.09 32.47 14.24
C THR B 154 5.06 31.45 15.38
N VAL B 155 4.97 31.97 16.60
CA VAL B 155 4.97 31.12 17.78
C VAL B 155 3.97 29.98 17.66
N ILE B 156 2.71 30.30 17.35
CA ILE B 156 1.68 29.26 17.39
C ILE B 156 1.85 28.29 16.23
N GLN B 157 2.32 28.78 15.08
CA GLN B 157 2.54 27.86 13.96
C GLN B 157 3.69 26.91 14.28
N ALA B 158 4.72 27.41 14.96
CA ALA B 158 5.82 26.54 15.34
C ALA B 158 5.36 25.54 16.40
N GLU B 159 4.54 25.99 17.34
CA GLU B 159 4.04 25.17 18.42
C GLU B 159 3.18 24.00 17.91
N ILE B 160 2.26 24.26 16.98
CA ILE B 160 1.42 23.18 16.48
C ILE B 160 2.20 22.17 15.64
N ASP B 161 3.32 22.61 15.08
CA ASP B 161 4.12 21.81 14.15
C ASP B 161 5.28 21.11 14.85
N ALA B 162 6.33 21.86 15.18
CA ALA B 162 7.56 21.26 15.67
C ALA B 162 7.42 20.62 17.04
N ALA B 163 6.46 21.11 17.83
CA ALA B 163 6.14 20.46 19.11
C ALA B 163 4.97 19.48 18.91
N ALA B 164 3.75 19.99 18.93
CA ALA B 164 2.58 19.12 19.02
C ALA B 164 2.49 18.03 17.94
N GLU B 165 2.57 18.40 16.67
CA GLU B 165 2.37 17.42 15.61
C GLU B 165 3.48 16.39 15.62
N LEU B 166 4.73 16.84 15.75
CA LEU B 166 5.86 15.92 15.77
C LEU B 166 5.80 14.97 16.97
N ILE B 167 5.58 15.54 18.14
CA ILE B 167 5.39 14.74 19.35
C ILE B 167 4.26 13.72 19.15
N ASP B 168 3.13 14.17 18.61
CA ASP B 168 2.00 13.26 18.37
C ASP B 168 2.34 12.16 17.36
N PHE B 169 3.05 12.49 16.27
CA PHE B 169 3.45 11.44 15.33
C PHE B 169 4.24 10.39 16.08
N PHE B 170 5.21 10.83 16.88
CA PHE B 170 6.07 9.87 17.56
C PHE B 170 5.31 9.01 18.56
N ARG B 171 4.43 9.62 19.35
CA ARG B 171 3.69 8.85 20.36
C ARG B 171 2.63 7.97 19.74
N PHE B 172 1.84 8.55 18.83
CA PHE B 172 0.75 7.78 18.23
C PHE B 172 1.28 6.66 17.32
N ASN B 173 2.30 6.93 16.52
CA ASN B 173 2.85 5.86 15.71
C ASN B 173 3.44 4.75 16.56
N ALA B 174 4.07 5.11 17.69
CA ALA B 174 4.56 4.09 18.61
C ALA B 174 3.41 3.21 19.10
N LYS B 175 2.31 3.85 19.49
CA LYS B 175 1.13 3.11 19.94
C LYS B 175 0.62 2.20 18.83
N PHE B 176 0.45 2.74 17.63
CA PHE B 176 -0.08 1.94 16.54
C PHE B 176 0.82 0.76 16.25
N ALA B 177 2.13 0.97 16.31
CA ALA B 177 3.09 -0.07 15.95
C ALA B 177 3.13 -1.16 17.00
N VAL B 178 3.12 -0.78 18.27
CA VAL B 178 3.13 -1.78 19.33
C VAL B 178 1.84 -2.60 19.26
N GLU B 179 0.72 -1.94 19.02
CA GLU B 179 -0.54 -2.65 19.01
C GLU B 179 -0.74 -3.50 17.75
N LEU B 180 -0.08 -3.13 16.67
CA LEU B 180 -0.17 -3.88 15.40
C LEU B 180 0.29 -5.31 15.60
N GLU B 181 1.30 -5.50 16.45
CA GLU B 181 1.78 -6.86 16.69
C GLU B 181 0.72 -7.76 17.32
N GLY B 182 -0.32 -7.15 17.88
CA GLY B 182 -1.41 -7.93 18.45
C GLY B 182 -2.41 -8.40 17.41
N GLU B 183 -2.25 -7.92 16.18
CA GLU B 183 -3.09 -8.38 15.09
C GLU B 183 -2.51 -9.66 14.53
N GLN B 184 -3.09 -10.78 14.94
CA GLN B 184 -2.56 -12.10 14.65
C GLN B 184 -3.63 -12.99 14.03
N PRO B 185 -3.20 -13.93 13.20
CA PRO B 185 -4.14 -14.81 12.49
C PRO B 185 -4.72 -15.90 13.39
N ILE B 186 -5.67 -16.65 12.84
CA ILE B 186 -6.30 -17.77 13.54
C ILE B 186 -5.38 -18.98 13.49
N SER B 187 -5.28 -19.70 14.60
CA SER B 187 -4.61 -20.99 14.63
C SER B 187 -5.63 -22.09 14.88
N VAL B 188 -5.50 -23.19 14.13
CA VAL B 188 -6.31 -24.37 14.31
C VAL B 188 -5.39 -25.58 14.43
N PRO B 189 -5.71 -26.52 15.32
CA PRO B 189 -4.87 -27.72 15.40
C PRO B 189 -4.70 -28.35 14.02
N PRO B 190 -3.52 -28.90 13.72
CA PRO B 190 -2.37 -29.08 14.60
C PRO B 190 -1.31 -27.97 14.45
N SER B 191 -1.70 -26.73 14.22
CA SER B 191 -0.72 -25.71 13.81
C SER B 191 -0.92 -24.38 14.52
N THR B 192 0.18 -23.65 14.65
CA THR B 192 0.19 -22.32 15.25
C THR B 192 0.67 -21.33 14.19
N ASN B 193 -0.11 -20.27 13.98
CA ASN B 193 0.22 -19.24 13.01
C ASN B 193 0.52 -17.92 13.69
N HIS B 194 1.53 -17.24 13.18
CA HIS B 194 1.97 -15.97 13.74
C HIS B 194 2.45 -15.05 12.64
N THR B 195 2.07 -13.79 12.73
CA THR B 195 2.53 -12.79 11.78
C THR B 195 3.69 -12.01 12.39
N VAL B 196 4.79 -11.96 11.65
CA VAL B 196 5.95 -11.15 11.98
C VAL B 196 5.90 -9.91 11.12
N TYR B 197 5.84 -8.74 11.76
CA TYR B 197 5.79 -7.51 11.00
C TYR B 197 7.19 -7.03 10.65
N ARG B 198 7.75 -7.64 9.61
CA ARG B 198 9.10 -7.33 9.15
C ARG B 198 9.18 -5.91 8.62
N GLY B 199 10.30 -5.24 8.86
CA GLY B 199 10.58 -4.03 8.10
C GLY B 199 10.79 -4.42 6.63
N LEU B 200 10.78 -3.42 5.76
CA LEU B 200 11.09 -3.67 4.36
C LEU B 200 12.57 -4.00 4.19
N GLU B 201 12.87 -4.91 3.27
CA GLU B 201 14.25 -5.31 3.05
C GLU B 201 14.88 -4.37 2.04
N GLY B 202 15.89 -3.64 2.47
CA GLY B 202 16.54 -2.61 1.67
C GLY B 202 16.60 -1.33 2.48
N PHE B 203 16.66 -0.17 1.82
CA PHE B 203 16.62 1.10 2.55
C PHE B 203 15.49 1.97 2.01
N VAL B 204 15.01 2.85 2.86
CA VAL B 204 13.99 3.82 2.51
C VAL B 204 14.59 5.22 2.37
N ALA B 205 14.20 5.93 1.31
CA ALA B 205 14.61 7.32 1.12
C ALA B 205 13.49 8.23 1.61
N ALA B 206 13.80 9.07 2.60
CA ALA B 206 12.83 10.03 3.12
C ALA B 206 13.20 11.41 2.62
N ILE B 207 12.25 12.08 1.98
CA ILE B 207 12.47 13.37 1.33
C ILE B 207 11.39 14.33 1.82
N SER B 208 11.80 15.34 2.58
CA SER B 208 10.84 16.17 3.31
C SER B 208 10.77 17.61 2.82
N PRO B 209 9.64 18.28 3.08
CA PRO B 209 9.37 19.63 2.59
C PRO B 209 9.76 20.71 3.60
N PHE B 210 9.78 21.96 3.15
CA PHE B 210 10.20 23.04 4.01
C PHE B 210 9.19 23.39 5.08
N ASN B 211 7.93 23.08 4.83
CA ASN B 211 6.87 23.82 5.50
C ASN B 211 6.41 23.28 6.84
N PHE B 212 6.79 22.04 7.16
CA PHE B 212 6.49 21.48 8.47
C PHE B 212 7.69 20.70 8.98
N THR B 213 8.23 21.15 10.10
CA THR B 213 9.28 20.43 10.78
C THR B 213 8.84 19.01 11.12
N ALA B 214 7.59 18.86 11.51
CA ALA B 214 7.08 17.56 11.95
C ALA B 214 7.06 16.54 10.83
N ILE B 215 6.83 17.00 9.60
CA ILE B 215 6.74 16.07 8.48
C ILE B 215 8.07 15.37 8.23
N GLY B 216 9.17 16.11 8.32
CA GLY B 216 10.49 15.49 8.20
C GLY B 216 10.69 14.40 9.24
N GLY B 217 10.35 14.70 10.50
CA GLY B 217 10.50 13.70 11.55
C GLY B 217 9.66 12.47 11.29
N ASN B 218 8.44 12.65 10.79
CA ASN B 218 7.57 11.53 10.49
C ASN B 218 8.04 10.73 9.28
N LEU B 219 8.47 11.44 8.24
CA LEU B 219 8.86 10.74 7.01
C LEU B 219 10.05 9.83 7.25
N ALA B 220 11.01 10.27 8.05
CA ALA B 220 12.16 9.44 8.38
C ALA B 220 11.85 8.53 9.56
N GLY B 221 11.11 9.04 10.53
CA GLY B 221 10.86 8.30 11.75
C GLY B 221 9.89 7.13 11.69
N ALA B 222 8.80 7.29 10.95
CA ALA B 222 7.82 6.19 10.89
C ALA B 222 8.41 4.93 10.24
N PRO B 223 9.13 5.06 9.12
CA PRO B 223 9.73 3.84 8.59
C PRO B 223 10.77 3.26 9.56
N ALA B 224 11.59 4.11 10.18
CA ALA B 224 12.56 3.60 11.13
C ALA B 224 11.89 2.82 12.27
N LEU B 225 10.79 3.35 12.79
CA LEU B 225 10.03 2.68 13.85
C LEU B 225 9.69 1.25 13.46
N MET B 226 9.36 1.06 12.19
CA MET B 226 8.90 -0.23 11.69
C MET B 226 10.04 -1.16 11.27
N GLY B 227 11.26 -0.81 11.65
CA GLY B 227 12.38 -1.70 11.42
C GLY B 227 13.18 -1.40 10.15
N ASN B 228 12.88 -0.27 9.52
CA ASN B 228 13.61 0.12 8.32
C ASN B 228 14.83 0.96 8.63
N VAL B 229 15.72 1.04 7.65
CA VAL B 229 16.82 2.01 7.69
C VAL B 229 16.57 3.04 6.60
N VAL B 230 17.04 4.26 6.83
CA VAL B 230 16.57 5.43 6.11
C VAL B 230 17.72 6.36 5.74
N LEU B 231 17.70 6.84 4.50
CA LEU B 231 18.46 8.03 4.15
C LEU B 231 17.49 9.18 4.15
N TRP B 232 17.71 10.14 5.06
CA TRP B 232 16.83 11.30 5.15
C TRP B 232 17.48 12.51 4.51
N LYS B 233 16.90 12.97 3.40
CA LYS B 233 17.29 14.26 2.80
C LYS B 233 16.29 15.32 3.22
N PRO B 234 16.66 16.14 4.22
CA PRO B 234 15.72 17.17 4.65
C PRO B 234 15.65 18.33 3.66
N SER B 235 14.64 19.17 3.82
CA SER B 235 14.54 20.39 3.03
C SER B 235 15.61 21.41 3.41
N ASP B 236 16.28 21.97 2.39
CA ASP B 236 17.32 22.96 2.62
C ASP B 236 16.80 24.10 3.48
N THR B 237 15.58 24.52 3.22
CA THR B 237 15.02 25.69 3.88
C THR B 237 14.41 25.40 5.25
N ALA B 238 14.51 24.14 5.69
CA ALA B 238 14.15 23.74 7.04
C ALA B 238 15.31 23.03 7.73
N MET B 239 16.53 23.30 7.28
CA MET B 239 17.67 22.50 7.75
C MET B 239 17.91 22.58 9.27
N LEU B 240 17.88 23.80 9.80
CA LEU B 240 18.16 24.06 11.20
C LEU B 240 17.29 23.23 12.14
N ALA B 241 15.98 23.31 11.95
CA ALA B 241 15.06 22.54 12.79
C ALA B 241 15.13 21.05 12.50
N SER B 242 15.35 20.68 11.24
CA SER B 242 15.42 19.28 10.87
C SER B 242 16.59 18.61 11.59
N TYR B 243 17.75 19.28 11.60
CA TYR B 243 18.89 18.71 12.29
C TYR B 243 18.65 18.60 13.79
N ALA B 244 17.95 19.57 14.36
CA ALA B 244 17.62 19.53 15.78
C ALA B 244 16.83 18.27 16.10
N VAL B 245 15.87 17.96 15.23
CA VAL B 245 15.08 16.75 15.39
C VAL B 245 15.95 15.50 15.27
N TYR B 246 16.82 15.48 14.28
CA TYR B 246 17.74 14.35 14.11
C TYR B 246 18.57 14.11 15.38
N ARG B 247 19.18 15.17 15.89
CA ARG B 247 20.04 15.04 17.06
C ARG B 247 19.22 14.50 18.24
N ILE B 248 17.99 14.97 18.39
CA ILE B 248 17.13 14.49 19.47
C ILE B 248 16.87 12.98 19.34
N LEU B 249 16.60 12.53 18.12
CA LEU B 249 16.41 11.10 17.91
C LEU B 249 17.64 10.30 18.32
N ARG B 250 18.82 10.78 17.93
CA ARG B 250 20.04 10.07 18.29
C ARG B 250 20.23 10.08 19.81
N GLU B 251 20.01 11.22 20.44
CA GLU B 251 20.13 11.30 21.90
C GLU B 251 19.11 10.40 22.61
N ALA B 252 17.97 10.19 21.98
CA ALA B 252 16.92 9.36 22.55
C ALA B 252 17.21 7.87 22.38
N GLY B 253 18.33 7.56 21.74
CA GLY B 253 18.76 6.17 21.61
C GLY B 253 18.69 5.52 20.24
N LEU B 254 18.36 6.29 19.20
CA LEU B 254 18.38 5.72 17.86
C LEU B 254 19.82 5.29 17.54
N PRO B 255 20.01 4.00 17.18
CA PRO B 255 21.38 3.55 16.94
C PRO B 255 21.97 4.16 15.66
N PRO B 256 23.28 4.08 15.51
CA PRO B 256 23.89 4.60 14.28
C PRO B 256 23.45 3.83 13.04
N ASN B 257 23.39 4.55 11.92
CA ASN B 257 23.11 3.96 10.61
C ASN B 257 21.66 3.56 10.39
N ILE B 258 20.78 3.95 11.31
CA ILE B 258 19.35 3.69 11.13
C ILE B 258 18.69 4.84 10.38
N ILE B 259 19.04 6.08 10.74
CA ILE B 259 18.68 7.21 9.91
C ILE B 259 19.96 7.97 9.60
N GLN B 260 20.28 8.05 8.31
CA GLN B 260 21.44 8.82 7.87
C GLN B 260 20.94 10.21 7.55
N PHE B 261 21.59 11.22 8.12
CA PHE B 261 21.20 12.61 7.90
C PHE B 261 21.99 13.14 6.71
N VAL B 262 21.35 13.16 5.54
CA VAL B 262 22.07 13.43 4.29
C VAL B 262 21.41 14.50 3.42
N PRO B 263 21.50 15.77 3.84
CA PRO B 263 21.18 16.86 2.94
C PRO B 263 21.91 16.62 1.62
N ALA B 264 21.29 17.03 0.51
CA ALA B 264 21.84 16.78 -0.81
C ALA B 264 21.06 17.56 -1.84
N ASP B 265 21.68 17.80 -2.99
CA ASP B 265 20.94 18.33 -4.13
C ASP B 265 19.79 17.37 -4.43
N GLY B 266 18.59 17.93 -4.65
CA GLY B 266 17.43 17.07 -4.84
C GLY B 266 17.60 16.04 -5.95
N PRO B 267 17.80 16.51 -7.18
CA PRO B 267 17.97 15.57 -8.30
C PRO B 267 19.12 14.58 -8.06
N THR B 268 20.23 15.04 -7.52
CA THR B 268 21.35 14.16 -7.24
C THR B 268 20.93 13.05 -6.28
N PHE B 269 20.17 13.41 -5.25
CA PHE B 269 19.69 12.44 -4.28
C PHE B 269 18.74 11.44 -4.93
N GLY B 270 17.78 11.95 -5.69
CA GLY B 270 16.82 11.07 -6.34
C GLY B 270 17.49 10.11 -7.30
N ASP B 271 18.44 10.64 -8.09
CA ASP B 271 19.18 9.83 -9.05
C ASP B 271 19.90 8.69 -8.32
N THR B 272 20.55 9.03 -7.21
CA THR B 272 21.33 8.05 -6.47
C THR B 272 20.46 6.98 -5.84
N VAL B 273 19.41 7.37 -5.13
CA VAL B 273 18.62 6.35 -4.45
C VAL B 273 17.85 5.47 -5.43
N THR B 274 17.36 6.05 -6.53
CA THR B 274 16.63 5.26 -7.51
C THR B 274 17.54 4.37 -8.36
N SER B 275 18.86 4.58 -8.25
CA SER B 275 19.84 3.75 -8.94
C SER B 275 20.32 2.56 -8.10
N SER B 276 19.90 2.49 -6.84
CA SER B 276 20.35 1.44 -5.95
C SER B 276 19.45 0.21 -6.02
N GLU B 277 20.04 -0.96 -6.22
CA GLU B 277 19.28 -2.19 -6.23
C GLU B 277 18.54 -2.40 -4.91
N HIS B 278 18.98 -1.72 -3.85
CA HIS B 278 18.43 -1.96 -2.51
C HIS B 278 17.36 -0.97 -2.07
N LEU B 279 16.94 -0.09 -2.97
CA LEU B 279 15.85 0.82 -2.63
C LEU B 279 14.58 0.02 -2.42
N CYS B 280 13.95 0.21 -1.25
CA CYS B 280 12.68 -0.49 -1.03
C CYS B 280 11.52 0.46 -0.76
N GLY B 281 11.79 1.75 -0.65
CA GLY B 281 10.71 2.69 -0.42
C GLY B 281 11.18 4.12 -0.56
N ILE B 282 10.24 4.97 -0.95
CA ILE B 282 10.45 6.41 -0.95
C ILE B 282 9.28 7.01 -0.18
N ASN B 283 9.60 7.78 0.86
CA ASN B 283 8.58 8.46 1.64
C ASN B 283 8.75 9.94 1.41
N PHE B 284 7.85 10.50 0.62
CA PHE B 284 7.99 11.83 0.06
C PHE B 284 6.87 12.75 0.45
N THR B 285 7.18 14.02 0.65
CA THR B 285 6.16 15.05 0.74
C THR B 285 6.72 16.32 0.11
N GLY B 286 5.94 16.92 -0.79
CA GLY B 286 6.41 18.04 -1.58
C GLY B 286 5.53 18.16 -2.81
N SER B 287 6.11 18.62 -3.92
CA SER B 287 5.32 18.89 -5.12
C SER B 287 5.02 17.66 -5.97
N VAL B 288 3.90 17.71 -6.70
CA VAL B 288 3.50 16.65 -7.63
C VAL B 288 4.58 16.31 -8.65
N PRO B 289 5.15 17.33 -9.31
CA PRO B 289 6.12 16.97 -10.35
C PRO B 289 7.33 16.20 -9.83
N THR B 290 7.82 16.55 -8.63
CA THR B 290 8.95 15.84 -8.06
C THR B 290 8.57 14.39 -7.76
N PHE B 291 7.41 14.18 -7.16
CA PHE B 291 6.97 12.82 -6.88
C PHE B 291 6.81 12.00 -8.15
N LYS B 292 6.22 12.60 -9.18
CA LYS B 292 6.05 11.89 -10.45
C LYS B 292 7.40 11.51 -11.06
N HIS B 293 8.35 12.44 -10.97
CA HIS B 293 9.70 12.19 -11.47
C HIS B 293 10.31 10.97 -10.79
N LEU B 294 10.21 10.91 -9.47
CA LEU B 294 10.75 9.78 -8.72
C LEU B 294 10.04 8.49 -9.08
N TRP B 295 8.72 8.56 -9.25
CA TRP B 295 7.93 7.39 -9.62
C TRP B 295 8.42 6.85 -10.97
N ARG B 296 8.65 7.75 -11.91
CA ARG B 296 9.15 7.34 -13.22
C ARG B 296 10.58 6.79 -13.15
N GLN B 297 11.40 7.36 -12.30
CA GLN B 297 12.76 6.86 -12.17
C GLN B 297 12.77 5.43 -11.64
N VAL B 298 11.89 5.15 -10.66
CA VAL B 298 11.79 3.80 -10.13
C VAL B 298 11.30 2.85 -11.21
N ALA B 299 10.28 3.26 -11.96
CA ALA B 299 9.79 2.41 -13.05
C ALA B 299 10.86 2.12 -14.09
N GLN B 300 11.63 3.15 -14.44
CA GLN B 300 12.71 2.98 -15.42
C GLN B 300 13.71 1.93 -14.97
N ASN B 301 13.98 1.89 -13.66
CA ASN B 301 15.02 1.02 -13.11
C ASN B 301 14.48 -0.24 -12.46
N LEU B 302 13.24 -0.59 -12.80
CA LEU B 302 12.54 -1.68 -12.13
CA LEU B 302 12.55 -1.66 -12.11
C LEU B 302 13.34 -2.98 -12.10
N ASP B 303 14.05 -3.27 -13.18
CA ASP B 303 14.76 -4.54 -13.28
C ASP B 303 15.93 -4.69 -12.30
N ARG B 304 16.44 -3.57 -11.80
CA ARG B 304 17.60 -3.67 -10.92
C ARG B 304 17.23 -3.91 -9.46
N PHE B 305 16.00 -3.59 -9.08
CA PHE B 305 15.64 -3.67 -7.68
C PHE B 305 15.42 -5.11 -7.22
N ARG B 306 15.86 -5.37 -6.00
CA ARG B 306 15.67 -6.67 -5.37
C ARG B 306 14.21 -6.91 -5.03
N THR B 307 13.47 -5.85 -4.74
CA THR B 307 12.03 -5.97 -4.59
C THR B 307 11.36 -4.72 -5.13
N PHE B 308 10.04 -4.74 -5.21
CA PHE B 308 9.30 -3.60 -5.75
C PHE B 308 9.26 -2.46 -4.75
N PRO B 309 9.87 -1.31 -5.08
CA PRO B 309 9.87 -0.23 -4.09
C PRO B 309 8.47 0.32 -3.83
N ARG B 310 8.23 0.78 -2.60
CA ARG B 310 6.96 1.35 -2.22
C ARG B 310 7.07 2.85 -2.19
N LEU B 311 6.25 3.53 -2.99
CA LEU B 311 6.29 4.97 -3.04
C LEU B 311 5.10 5.56 -2.31
N ALA B 312 5.39 6.44 -1.36
CA ALA B 312 4.37 7.20 -0.66
C ALA B 312 4.67 8.67 -0.91
N GLY B 313 3.64 9.41 -1.30
CA GLY B 313 3.80 10.81 -1.66
C GLY B 313 2.57 11.60 -1.31
N GLU B 314 2.75 12.64 -0.51
CA GLU B 314 1.64 13.56 -0.27
C GLU B 314 2.05 14.87 -0.91
N CYS B 315 1.17 15.42 -1.75
N CYS B 315 1.18 15.41 -1.73
CA CYS B 315 1.57 16.37 -2.81
CA CYS B 315 1.57 16.56 -2.50
C CYS B 315 0.84 17.71 -2.95
C CYS B 315 0.58 17.69 -2.25
N GLY B 316 0.13 18.15 -1.93
N GLY B 316 0.45 18.58 -3.24
CA GLY B 316 -0.49 19.48 -1.96
CA GLY B 316 -0.23 19.83 -3.02
C GLY B 316 -1.88 19.53 -2.59
C GLY B 316 -1.74 19.79 -3.15
N GLY B 317 -2.34 20.75 -2.90
N GLY B 317 -2.35 20.94 -2.91
CA GLY B 317 -3.67 20.92 -3.45
CA GLY B 317 -3.78 21.07 -2.98
C GLY B 317 -4.05 22.35 -3.81
C GLY B 317 -4.13 22.44 -3.51
N LYS B 318 -5.36 22.57 -4.00
CA LYS B 318 -5.91 23.88 -4.31
C LYS B 318 -7.23 23.89 -3.56
N ASN B 319 -7.16 24.21 -2.27
CA ASN B 319 -8.25 23.88 -1.36
C ASN B 319 -9.33 24.93 -1.26
N PHE B 320 -10.56 24.47 -1.01
CA PHE B 320 -11.71 25.35 -1.08
C PHE B 320 -12.38 25.58 0.27
N HIS B 321 -12.95 26.77 0.43
CA HIS B 321 -13.97 26.99 1.44
C HIS B 321 -15.22 27.33 0.65
N PHE B 322 -16.25 26.51 0.80
CA PHE B 322 -17.51 26.73 0.11
C PHE B 322 -18.55 27.22 1.11
N VAL B 323 -19.13 28.38 0.82
CA VAL B 323 -20.07 29.01 1.73
C VAL B 323 -21.47 28.87 1.18
N HIS B 324 -22.38 28.38 2.03
CA HIS B 324 -23.79 28.36 1.70
C HIS B 324 -24.46 29.56 2.35
N SER B 325 -25.59 29.99 1.81
CA SER B 325 -26.26 31.19 2.31
C SER B 325 -26.66 31.09 3.79
N SER B 326 -26.71 29.88 4.32
CA SER B 326 -27.08 29.67 5.72
C SER B 326 -25.88 29.75 6.67
N ALA B 327 -24.70 30.05 6.15
CA ALA B 327 -23.47 30.03 6.93
C ALA B 327 -23.42 31.08 8.04
N ASP B 328 -22.66 30.76 9.08
CA ASP B 328 -22.32 31.75 10.09
C ASP B 328 -21.20 32.61 9.53
N VAL B 329 -21.53 33.87 9.24
CA VAL B 329 -20.63 34.79 8.56
C VAL B 329 -19.30 34.99 9.30
N ASP B 330 -19.36 35.21 10.62
CA ASP B 330 -18.15 35.45 11.39
C ASP B 330 -17.21 34.25 11.32
N SER B 331 -17.78 33.05 11.37
CA SER B 331 -16.97 31.83 11.29
C SER B 331 -16.33 31.68 9.91
N VAL B 332 -17.09 32.01 8.86
CA VAL B 332 -16.51 32.01 7.52
C VAL B 332 -15.31 32.93 7.46
N VAL B 333 -15.46 34.13 8.00
CA VAL B 333 -14.38 35.12 7.90
C VAL B 333 -13.14 34.72 8.68
N SER B 334 -13.29 34.41 9.96
CA SER B 334 -12.13 34.05 10.76
CA SER B 334 -12.15 34.04 10.78
C SER B 334 -11.48 32.76 10.27
N GLY B 335 -12.30 31.76 9.96
CA GLY B 335 -11.80 30.49 9.47
C GLY B 335 -11.06 30.64 8.15
N THR B 336 -11.59 31.50 7.28
CA THR B 336 -10.95 31.71 5.98
C THR B 336 -9.66 32.52 6.11
N LEU B 337 -9.66 33.57 6.93
CA LEU B 337 -8.42 34.31 7.16
C LEU B 337 -7.31 33.41 7.70
N ARG B 338 -7.64 32.58 8.68
CA ARG B 338 -6.65 31.66 9.20
C ARG B 338 -6.19 30.68 8.13
N SER B 339 -7.14 30.03 7.46
CA SER B 339 -6.76 29.02 6.49
C SER B 339 -5.96 29.58 5.33
N ALA B 340 -6.35 30.72 4.82
CA ALA B 340 -5.68 31.29 3.66
C ALA B 340 -4.31 31.88 4.00
N PHE B 341 -4.18 32.47 5.19
CA PHE B 341 -3.02 33.33 5.46
C PHE B 341 -2.06 32.86 6.54
N GLU B 342 -2.47 31.94 7.40
CA GLU B 342 -1.51 31.45 8.41
C GLU B 342 -0.32 30.83 7.72
N TYR B 343 0.86 31.08 8.29
CA TYR B 343 2.12 30.70 7.68
C TYR B 343 2.19 31.14 6.22
N GLY B 344 1.60 32.30 5.94
CA GLY B 344 1.67 32.87 4.60
C GLY B 344 1.03 31.98 3.54
N GLY B 345 0.07 31.16 3.95
CA GLY B 345 -0.61 30.29 3.02
C GLY B 345 0.25 29.14 2.52
N GLN B 346 1.39 28.90 3.19
CA GLN B 346 2.34 27.88 2.75
C GLN B 346 2.01 26.53 3.36
N LYS B 347 0.77 26.09 3.16
CA LYS B 347 0.34 24.79 3.61
C LYS B 347 -0.36 24.07 2.48
N CYS B 348 -0.10 22.78 2.36
CA CYS B 348 -0.80 21.96 1.37
C CYS B 348 -2.31 22.05 1.55
N SER B 349 -2.75 22.40 2.76
CA SER B 349 -4.16 22.41 3.16
C SER B 349 -4.80 23.79 3.15
N ALA B 350 -4.01 24.82 2.85
CA ALA B 350 -4.51 26.20 2.93
C ALA B 350 -5.63 26.48 1.95
N CYS B 351 -6.65 27.20 2.42
CA CYS B 351 -7.72 27.65 1.53
C CYS B 351 -7.18 28.69 0.54
N SER B 352 -7.34 28.44 -0.76
CA SER B 352 -6.96 29.42 -1.77
C SER B 352 -8.10 29.77 -2.73
N ARG B 353 -9.23 29.07 -2.60
CA ARG B 353 -10.44 29.48 -3.33
C ARG B 353 -11.63 29.51 -2.38
N LEU B 354 -12.30 30.65 -2.36
CA LEU B 354 -13.47 30.86 -1.52
C LEU B 354 -14.67 31.08 -2.42
N TYR B 355 -15.70 30.25 -2.25
CA TYR B 355 -16.95 30.37 -3.03
C TYR B 355 -18.01 30.96 -2.14
N VAL B 356 -18.53 32.14 -2.51
CA VAL B 356 -19.49 32.86 -1.68
C VAL B 356 -20.77 33.13 -2.47
N PRO B 357 -21.94 32.91 -1.84
CA PRO B 357 -23.21 33.24 -2.50
C PRO B 357 -23.43 34.75 -2.53
N LYS B 358 -24.02 35.23 -3.61
CA LYS B 358 -24.25 36.66 -3.78
C LYS B 358 -24.95 37.29 -2.58
N SER B 359 -25.87 36.55 -1.97
CA SER B 359 -26.66 37.09 -0.85
C SER B 359 -25.82 37.43 0.38
N LEU B 360 -24.64 36.84 0.48
CA LEU B 360 -23.76 37.04 1.64
C LEU B 360 -22.51 37.84 1.30
N TRP B 361 -22.29 38.09 0.02
CA TRP B 361 -21.05 38.72 -0.42
C TRP B 361 -20.81 40.13 0.14
N PRO B 362 -21.84 40.98 0.17
CA PRO B 362 -21.60 42.29 0.79
C PRO B 362 -21.14 42.16 2.25
N GLN B 363 -21.79 41.31 3.04
CA GLN B 363 -21.42 41.12 4.44
C GLN B 363 -20.00 40.53 4.57
N ILE B 364 -19.71 39.50 3.78
CA ILE B 364 -18.43 38.83 3.89
C ILE B 364 -17.28 39.68 3.35
N LYS B 365 -17.53 40.38 2.25
CA LYS B 365 -16.53 41.25 1.65
C LYS B 365 -16.13 42.36 2.63
N GLY B 366 -17.13 43.00 3.22
CA GLY B 366 -16.89 44.05 4.19
C GLY B 366 -16.06 43.59 5.36
N ARG B 367 -16.43 42.44 5.92
CA ARG B 367 -15.72 41.88 7.06
C ARG B 367 -14.30 41.43 6.70
N LEU B 368 -14.14 40.82 5.53
CA LEU B 368 -12.82 40.39 5.08
C LEU B 368 -11.89 41.59 4.92
N LEU B 369 -12.38 42.65 4.29
CA LEU B 369 -11.54 43.82 4.08
C LEU B 369 -11.18 44.51 5.40
N GLU B 370 -12.13 44.55 6.33
CA GLU B 370 -11.91 45.17 7.63
C GLU B 370 -10.87 44.38 8.41
N GLU B 371 -11.07 43.08 8.53
CA GLU B 371 -10.13 42.24 9.28
C GLU B 371 -8.77 42.20 8.58
N HIS B 372 -8.78 42.20 7.25
CA HIS B 372 -7.53 42.24 6.49
C HIS B 372 -6.64 43.40 6.91
N SER B 373 -7.25 44.58 7.10
CA SER B 373 -6.52 45.78 7.45
C SER B 373 -5.85 45.67 8.83
N ARG B 374 -6.25 44.67 9.61
CA ARG B 374 -5.74 44.50 10.96
C ARG B 374 -4.64 43.45 11.05
N ILE B 375 -4.43 42.71 9.96
CA ILE B 375 -3.42 41.65 9.96
C ILE B 375 -2.01 42.24 9.95
N LYS B 376 -1.20 41.86 10.94
CA LYS B 376 0.18 42.32 11.01
C LYS B 376 1.14 41.31 10.37
N VAL B 377 1.93 41.79 9.41
CA VAL B 377 2.99 41.00 8.81
C VAL B 377 4.33 41.56 9.24
N GLY B 378 5.19 40.72 9.77
CA GLY B 378 6.48 41.20 10.28
C GLY B 378 7.31 40.07 10.85
N ASP B 379 8.26 40.45 11.69
CA ASP B 379 9.26 39.57 12.28
C ASP B 379 8.62 38.80 13.43
N PRO B 380 8.51 37.46 13.30
CA PRO B 380 7.78 36.66 14.28
C PRO B 380 8.58 36.46 15.57
N ALA B 381 9.90 36.63 15.50
CA ALA B 381 10.75 36.49 16.67
C ALA B 381 10.72 37.75 17.52
N GLU B 382 10.68 38.91 16.85
CA GLU B 382 10.75 40.20 17.52
C GLU B 382 9.38 40.75 17.92
N ASP B 383 8.35 40.39 17.17
CA ASP B 383 7.01 40.92 17.38
C ASP B 383 5.99 39.78 17.42
N PHE B 384 5.61 39.38 18.63
CA PHE B 384 4.65 38.29 18.77
C PHE B 384 3.25 38.71 18.32
N GLY B 385 3.06 39.99 18.01
CA GLY B 385 1.81 40.46 17.43
C GLY B 385 1.66 40.08 15.97
N THR B 386 2.73 39.56 15.38
CA THR B 386 2.73 39.17 13.97
C THR B 386 1.73 38.05 13.70
N PHE B 387 0.82 38.24 12.74
CA PHE B 387 -0.08 37.16 12.35
C PHE B 387 0.66 36.13 11.50
N PHE B 388 1.37 36.59 10.48
CA PHE B 388 2.28 35.72 9.72
C PHE B 388 3.44 36.53 9.18
N SER B 389 4.49 35.83 8.73
CA SER B 389 5.71 36.50 8.33
C SER B 389 6.03 36.24 6.86
N ALA B 390 7.28 36.49 6.51
CA ALA B 390 7.79 36.32 5.15
C ALA B 390 7.60 34.90 4.64
N VAL B 391 7.49 34.77 3.32
CA VAL B 391 7.46 33.44 2.71
C VAL B 391 8.87 32.85 2.68
N ILE B 392 8.98 31.57 2.33
CA ILE B 392 10.18 30.80 2.66
C ILE B 392 11.49 31.24 1.99
N ASP B 393 11.44 31.58 0.70
CA ASP B 393 12.67 31.89 -0.02
C ASP B 393 12.45 32.72 -1.26
N ALA B 394 13.55 33.05 -1.93
CA ALA B 394 13.51 33.92 -3.10
C ALA B 394 12.67 33.34 -4.22
N LYS B 395 12.73 32.02 -4.39
CA LYS B 395 11.99 31.36 -5.46
C LYS B 395 10.49 31.45 -5.22
N ALA B 396 10.07 31.22 -3.98
CA ALA B 396 8.67 31.35 -3.62
C ALA B 396 8.18 32.78 -3.83
N PHE B 397 8.96 33.75 -3.37
CA PHE B 397 8.64 35.17 -3.51
C PHE B 397 8.43 35.49 -4.99
N ALA B 398 9.36 35.04 -5.82
CA ALA B 398 9.26 35.31 -7.27
C ALA B 398 8.00 34.72 -7.89
N ARG B 399 7.65 33.49 -7.49
CA ARG B 399 6.45 32.85 -8.03
C ARG B 399 5.21 33.61 -7.62
N ILE B 400 5.13 33.97 -6.34
CA ILE B 400 3.99 34.70 -5.83
C ILE B 400 3.87 36.06 -6.50
N LYS B 401 5.00 36.74 -6.67
CA LYS B 401 5.00 38.04 -7.35
C LYS B 401 4.44 37.92 -8.76
N LYS B 402 4.80 36.85 -9.45
CA LYS B 402 4.26 36.62 -10.80
C LYS B 402 2.74 36.47 -10.78
N TRP B 403 2.20 35.79 -9.77
CA TRP B 403 0.75 35.67 -9.65
C TRP B 403 0.08 37.00 -9.32
N LEU B 404 0.71 37.81 -8.48
CA LEU B 404 0.17 39.12 -8.17
C LEU B 404 0.10 39.95 -9.44
N GLU B 405 1.12 39.83 -10.28
CA GLU B 405 1.18 40.57 -11.53
C GLU B 405 0.12 40.05 -12.51
N HIS B 406 -0.13 38.75 -12.47
CA HIS B 406 -1.21 38.17 -13.27
C HIS B 406 -2.56 38.72 -12.85
N ALA B 407 -2.77 38.85 -11.54
CA ALA B 407 -4.03 39.39 -11.02
C ALA B 407 -4.27 40.80 -11.53
N ARG B 408 -3.20 41.59 -11.61
CA ARG B 408 -3.29 42.97 -12.07
C ARG B 408 -3.53 43.05 -13.57
N SER B 409 -3.08 42.03 -14.30
CA SER B 409 -3.17 42.06 -15.76
C SER B 409 -4.43 41.37 -16.29
N SER B 410 -4.92 40.37 -15.56
CA SER B 410 -6.08 39.61 -15.98
C SER B 410 -7.37 40.40 -15.83
N PRO B 411 -8.14 40.51 -16.92
CA PRO B 411 -9.41 41.26 -16.91
C PRO B 411 -10.44 40.62 -15.98
N SER B 412 -10.30 39.33 -15.72
CA SER B 412 -11.27 38.62 -14.89
C SER B 412 -10.90 38.71 -13.42
N LEU B 413 -9.73 39.25 -13.12
CA LEU B 413 -9.24 39.31 -11.74
C LEU B 413 -9.16 40.74 -11.24
N SER B 414 -9.57 40.94 -9.99
CA SER B 414 -9.42 42.24 -9.34
C SER B 414 -8.86 42.06 -7.94
N ILE B 415 -7.84 42.84 -7.60
CA ILE B 415 -7.27 42.80 -6.27
C ILE B 415 -8.12 43.64 -5.34
N LEU B 416 -8.72 42.99 -4.34
CA LEU B 416 -9.57 43.68 -3.37
C LEU B 416 -8.77 44.25 -2.21
N ALA B 417 -7.75 43.51 -1.79
CA ALA B 417 -6.92 43.91 -0.66
C ALA B 417 -5.52 43.33 -0.81
N GLY B 418 -4.53 44.05 -0.27
CA GLY B 418 -3.14 43.62 -0.40
C GLY B 418 -2.62 43.81 -1.81
N GLY B 419 -1.65 42.98 -2.18
CA GLY B 419 -1.03 43.06 -3.49
C GLY B 419 0.40 43.56 -3.43
N GLN B 420 0.79 44.07 -2.28
CA GLN B 420 2.14 44.60 -2.09
C GLN B 420 3.11 43.47 -1.71
N CYS B 421 4.38 43.67 -2.04
CA CYS B 421 5.43 42.76 -1.60
C CYS B 421 6.75 43.52 -1.60
N ASN B 422 7.70 43.03 -0.79
CA ASN B 422 8.97 43.72 -0.57
C ASN B 422 10.00 42.71 -0.09
N GLU B 423 11.03 42.45 -0.91
CA GLU B 423 12.05 41.48 -0.54
C GLU B 423 13.38 42.13 -0.13
N SER B 424 13.33 43.39 0.30
CA SER B 424 14.55 44.10 0.66
C SER B 424 15.21 43.55 1.93
N VAL B 425 14.40 43.14 2.90
CA VAL B 425 14.91 42.63 4.18
C VAL B 425 14.53 41.16 4.37
N GLY B 426 13.27 40.85 4.11
CA GLY B 426 12.77 39.49 4.13
C GLY B 426 11.90 39.26 2.91
N TYR B 427 11.46 38.03 2.70
CA TYR B 427 10.59 37.74 1.55
C TYR B 427 9.14 38.04 1.90
N TYR B 428 8.84 39.32 2.08
CA TYR B 428 7.54 39.73 2.60
C TYR B 428 6.48 39.94 1.52
N VAL B 429 5.36 39.23 1.67
CA VAL B 429 4.20 39.42 0.82
C VAL B 429 3.01 39.71 1.71
N GLU B 430 2.31 40.80 1.45
CA GLU B 430 1.11 41.10 2.24
C GLU B 430 0.03 40.08 1.89
N PRO B 431 -0.86 39.81 2.85
CA PRO B 431 -2.01 38.97 2.49
C PRO B 431 -2.77 39.63 1.34
N CYS B 432 -3.21 38.81 0.39
CA CYS B 432 -3.86 39.35 -0.79
C CYS B 432 -5.18 38.63 -1.02
N ILE B 433 -6.24 39.43 -1.20
CA ILE B 433 -7.55 38.89 -1.52
C ILE B 433 -7.91 39.36 -2.93
N ILE B 434 -8.23 38.40 -3.79
CA ILE B 434 -8.55 38.68 -5.18
C ILE B 434 -9.93 38.15 -5.49
N GLU B 435 -10.71 38.90 -6.27
CA GLU B 435 -11.96 38.38 -6.77
C GLU B 435 -11.83 37.96 -8.23
N SER B 436 -12.30 36.75 -8.53
CA SER B 436 -12.35 36.31 -9.91
C SER B 436 -13.79 36.25 -10.39
N LYS B 437 -14.02 36.77 -11.59
CA LYS B 437 -15.32 36.65 -12.23
C LYS B 437 -15.38 35.37 -13.05
N ASP B 438 -14.24 34.69 -13.16
CA ASP B 438 -14.14 33.47 -13.95
C ASP B 438 -13.80 32.31 -13.03
N PRO B 439 -14.74 31.36 -12.87
CA PRO B 439 -14.49 30.26 -11.93
C PRO B 439 -13.43 29.28 -12.44
N GLN B 440 -13.06 29.40 -13.71
CA GLN B 440 -12.01 28.55 -14.28
C GLN B 440 -10.71 29.31 -14.54
N GLU B 441 -10.58 30.51 -14.02
CA GLU B 441 -9.33 31.26 -14.17
C GLU B 441 -8.18 30.40 -13.66
N PRO B 442 -7.02 30.46 -14.32
CA PRO B 442 -5.88 29.69 -13.82
C PRO B 442 -5.58 29.89 -12.33
N ILE B 443 -5.86 31.08 -11.77
CA ILE B 443 -5.58 31.32 -10.36
C ILE B 443 -6.49 30.49 -9.45
N MET B 444 -7.62 30.06 -10.00
CA MET B 444 -8.54 29.18 -9.27
C MET B 444 -8.08 27.73 -9.30
N LYS B 445 -7.09 27.44 -10.14
CA LYS B 445 -6.70 26.05 -10.41
C LYS B 445 -5.31 25.71 -9.88
N GLU B 446 -4.39 26.68 -9.95
CA GLU B 446 -2.98 26.38 -9.68
C GLU B 446 -2.54 26.72 -8.26
N GLU B 447 -1.81 25.80 -7.64
CA GLU B 447 -1.32 26.02 -6.28
C GLU B 447 -0.23 27.08 -6.23
N ILE B 448 -0.50 28.16 -5.51
CA ILE B 448 0.44 29.27 -5.40
C ILE B 448 1.39 29.12 -4.22
N PHE B 449 0.91 28.53 -3.13
CA PHE B 449 1.71 28.42 -1.90
C PHE B 449 2.18 29.80 -1.41
N GLY B 450 1.23 30.72 -1.35
CA GLY B 450 1.48 32.06 -0.85
C GLY B 450 0.20 32.59 -0.23
N PRO B 451 0.25 33.80 0.33
CA PRO B 451 -0.93 34.33 1.03
C PRO B 451 -1.88 34.98 0.04
N VAL B 452 -2.42 34.19 -0.87
CA VAL B 452 -3.20 34.70 -1.99
C VAL B 452 -4.51 33.94 -2.07
N LEU B 453 -5.59 34.62 -1.66
CA LEU B 453 -6.92 34.03 -1.65
C LEU B 453 -7.73 34.56 -2.82
N THR B 454 -8.34 33.66 -3.58
CA THR B 454 -9.20 34.05 -4.69
C THR B 454 -10.65 33.76 -4.34
N VAL B 455 -11.52 34.75 -4.58
CA VAL B 455 -12.92 34.62 -4.25
C VAL B 455 -13.75 34.57 -5.53
N TYR B 456 -14.68 33.63 -5.60
CA TYR B 456 -15.63 33.57 -6.69
C TYR B 456 -17.04 33.70 -6.13
N VAL B 457 -17.80 34.68 -6.62
CA VAL B 457 -19.12 34.93 -6.10
C VAL B 457 -20.15 34.29 -7.03
N TYR B 458 -20.98 33.41 -6.49
CA TYR B 458 -21.95 32.68 -7.31
C TYR B 458 -23.37 33.08 -6.93
N PRO B 459 -24.29 33.04 -7.90
CA PRO B 459 -25.68 33.38 -7.58
C PRO B 459 -26.28 32.30 -6.70
N ASP B 460 -27.02 32.70 -5.67
CA ASP B 460 -27.59 31.74 -4.74
C ASP B 460 -28.30 30.60 -5.45
N ASP B 461 -29.04 30.92 -6.51
CA ASP B 461 -29.89 29.94 -7.18
C ASP B 461 -29.09 28.88 -7.94
N LYS B 462 -27.77 29.05 -8.01
CA LYS B 462 -26.91 28.12 -8.72
C LYS B 462 -25.97 27.38 -7.79
N TYR B 463 -26.38 27.21 -6.54
CA TYR B 463 -25.49 26.58 -5.58
C TYR B 463 -25.14 25.14 -5.96
N ARG B 464 -26.09 24.39 -6.50
CA ARG B 464 -25.85 23.00 -6.86
C ARG B 464 -24.85 22.90 -8.00
N GLU B 465 -25.04 23.74 -9.02
CA GLU B 465 -24.12 23.80 -10.14
C GLU B 465 -22.74 24.24 -9.68
N THR B 466 -22.69 25.14 -8.71
CA THR B 466 -21.42 25.66 -8.22
C THR B 466 -20.67 24.59 -7.41
N LEU B 467 -21.41 23.75 -6.69
CA LEU B 467 -20.81 22.61 -6.00
C LEU B 467 -20.10 21.72 -7.00
N LYS B 468 -20.69 21.51 -8.17
CA LYS B 468 -20.02 20.74 -9.21
C LYS B 468 -18.74 21.43 -9.66
N LEU B 469 -18.77 22.75 -9.77
CA LEU B 469 -17.56 23.50 -10.09
C LEU B 469 -16.47 23.32 -9.03
N VAL B 470 -16.85 23.35 -7.76
CA VAL B 470 -15.87 23.14 -6.69
C VAL B 470 -15.16 21.82 -6.90
N ASP B 471 -15.93 20.80 -7.23
CA ASP B 471 -15.44 19.44 -7.40
C ASP B 471 -14.54 19.26 -8.63
N SER B 472 -14.89 19.95 -9.73
CA SER B 472 -14.27 19.64 -11.02
C SER B 472 -13.18 20.61 -11.46
N THR B 473 -13.13 21.78 -10.84
CA THR B 473 -12.29 22.85 -11.35
C THR B 473 -10.80 22.55 -11.31
N THR B 474 -10.34 21.92 -10.23
CA THR B 474 -8.92 21.68 -10.07
C THR B 474 -8.57 20.21 -10.21
N SER B 475 -7.27 19.94 -10.20
CA SER B 475 -6.78 18.57 -10.32
CA SER B 475 -6.77 18.57 -10.32
C SER B 475 -6.55 17.95 -8.95
N TYR B 476 -6.84 18.70 -7.90
CA TYR B 476 -6.47 18.28 -6.55
C TYR B 476 -7.63 17.77 -5.70
N GLY B 477 -7.30 17.07 -4.61
CA GLY B 477 -8.33 16.49 -3.76
C GLY B 477 -7.93 16.46 -2.30
N LEU B 478 -7.29 17.53 -1.85
CA LEU B 478 -6.69 17.50 -0.52
C LEU B 478 -7.65 17.94 0.59
N THR B 479 -7.87 19.24 0.76
CA THR B 479 -8.78 19.68 1.82
C THR B 479 -9.88 20.57 1.28
N GLY B 480 -10.93 20.74 2.08
CA GLY B 480 -12.02 21.61 1.71
C GLY B 480 -12.95 21.73 2.88
N ALA B 481 -13.68 22.84 2.92
CA ALA B 481 -14.64 23.08 3.98
C ALA B 481 -15.95 23.54 3.38
N VAL B 482 -17.04 23.16 4.03
CA VAL B 482 -18.34 23.73 3.72
C VAL B 482 -18.84 24.46 4.96
N PHE B 483 -19.23 25.71 4.77
CA PHE B 483 -19.84 26.50 5.83
C PHE B 483 -21.34 26.60 5.54
N ALA B 484 -22.13 25.98 6.40
CA ALA B 484 -23.57 25.91 6.22
C ALA B 484 -24.24 25.44 7.50
N GLN B 485 -25.41 25.99 7.81
CA GLN B 485 -26.11 25.59 9.01
C GLN B 485 -27.34 24.75 8.68
N ASP B 486 -27.65 24.65 7.40
CA ASP B 486 -28.77 23.84 6.92
C ASP B 486 -28.31 22.39 6.78
N LYS B 487 -28.91 21.50 7.58
CA LYS B 487 -28.49 20.10 7.62
C LYS B 487 -28.60 19.39 6.26
N ALA B 488 -29.69 19.64 5.55
CA ALA B 488 -29.87 19.02 4.25
C ALA B 488 -28.76 19.44 3.30
N ILE B 489 -28.43 20.72 3.34
CA ILE B 489 -27.38 21.27 2.49
C ILE B 489 -26.03 20.64 2.84
N VAL B 490 -25.75 20.53 4.14
CA VAL B 490 -24.51 19.91 4.57
C VAL B 490 -24.42 18.47 4.06
N GLN B 491 -25.51 17.72 4.20
CA GLN B 491 -25.55 16.34 3.69
C GLN B 491 -25.32 16.30 2.18
N GLU B 492 -26.00 17.17 1.45
CA GLU B 492 -25.86 17.21 -0.01
C GLU B 492 -24.44 17.58 -0.44
N ALA B 493 -23.90 18.66 0.14
CA ALA B 493 -22.54 19.08 -0.17
C ALA B 493 -21.53 17.99 0.19
N THR B 494 -21.76 17.32 1.31
CA THR B 494 -20.87 16.25 1.74
C THR B 494 -20.85 15.13 0.70
N ARG B 495 -22.01 14.78 0.18
CA ARG B 495 -22.11 13.77 -0.86
C ARG B 495 -21.40 14.22 -2.13
N MET B 496 -21.71 15.43 -2.58
CA MET B 496 -21.15 15.93 -3.84
C MET B 496 -19.62 16.08 -3.82
N LEU B 497 -19.06 16.36 -2.64
CA LEU B 497 -17.64 16.71 -2.53
C LEU B 497 -16.81 15.57 -1.96
N ARG B 498 -17.38 14.37 -1.95
CA ARG B 498 -16.75 13.18 -1.37
C ARG B 498 -15.32 12.96 -1.83
N ASN B 499 -15.06 13.16 -3.12
CA ASN B 499 -13.72 12.99 -3.65
C ASN B 499 -12.96 14.29 -3.95
N ALA B 500 -13.55 15.41 -3.57
CA ALA B 500 -12.87 16.70 -3.71
C ALA B 500 -11.93 17.01 -2.56
N ALA B 501 -12.04 16.26 -1.46
CA ALA B 501 -11.20 16.51 -0.28
C ALA B 501 -11.04 15.24 0.56
N GLY B 502 -9.79 14.87 0.83
CA GLY B 502 -9.50 13.76 1.70
C GLY B 502 -9.64 14.15 3.17
N ASN B 503 -9.52 15.45 3.42
CA ASN B 503 -9.82 16.01 4.73
C ASN B 503 -10.86 17.09 4.48
N PHE B 504 -12.08 16.79 4.92
CA PHE B 504 -13.25 17.59 4.65
C PHE B 504 -13.75 18.16 5.96
N TYR B 505 -14.13 19.43 5.93
CA TYR B 505 -14.48 20.15 7.15
C TYR B 505 -15.86 20.76 7.04
N ILE B 506 -16.65 20.57 8.08
CA ILE B 506 -17.96 21.21 8.15
CA ILE B 506 -17.97 21.20 8.17
C ILE B 506 -17.92 22.29 9.23
N ASN B 507 -18.09 23.53 8.80
CA ASN B 507 -18.06 24.68 9.70
C ASN B 507 -16.75 24.78 10.51
N ASP B 508 -15.65 24.41 9.87
CA ASP B 508 -14.33 24.71 10.40
C ASP B 508 -13.39 24.98 9.23
N LYS B 509 -12.21 25.52 9.52
CA LYS B 509 -11.24 25.86 8.49
C LYS B 509 -10.55 24.62 7.91
N SER B 510 -10.04 24.76 6.69
CA SER B 510 -9.52 23.61 5.93
C SER B 510 -8.11 23.16 6.35
N THR B 511 -7.51 23.86 7.31
CA THR B 511 -6.17 23.52 7.81
C THR B 511 -6.22 23.02 9.24
N GLY B 512 -5.08 22.58 9.75
CA GLY B 512 -4.93 22.27 11.17
C GLY B 512 -5.32 20.88 11.62
N SER B 513 -5.10 19.89 10.76
CA SER B 513 -5.32 18.49 11.13
C SER B 513 -4.45 18.09 12.33
N VAL B 514 -5.05 17.36 13.25
CA VAL B 514 -4.38 16.92 14.46
C VAL B 514 -4.25 15.39 14.46
N VAL B 515 -3.04 14.91 14.77
CA VAL B 515 -2.76 13.47 14.78
C VAL B 515 -3.79 12.71 15.63
N GLY B 516 -4.32 11.63 15.07
CA GLY B 516 -5.26 10.78 15.77
C GLY B 516 -6.69 11.30 15.73
N GLN B 517 -6.87 12.52 15.24
CA GLN B 517 -8.19 13.13 15.16
C GLN B 517 -8.59 13.38 13.71
N GLN B 518 -7.68 13.98 12.95
CA GLN B 518 -7.87 14.10 11.50
C GLN B 518 -6.66 13.57 10.77
N PRO B 519 -6.57 12.24 10.65
CA PRO B 519 -5.53 11.66 9.80
C PRO B 519 -5.54 12.37 8.45
N PHE B 520 -4.36 12.67 7.93
CA PHE B 520 -4.26 13.66 6.85
C PHE B 520 -3.82 13.10 5.51
N GLY B 521 -4.49 13.56 4.45
CA GLY B 521 -4.05 13.23 3.10
C GLY B 521 -5.24 13.21 2.17
N GLY B 522 -4.95 13.24 0.87
CA GLY B 522 -6.02 13.19 -0.11
C GLY B 522 -5.54 12.62 -1.42
N ALA B 523 -6.48 12.35 -2.31
CA ALA B 523 -6.16 11.71 -3.57
C ALA B 523 -6.25 12.68 -4.74
N ARG B 524 -6.81 12.25 -5.86
CA ARG B 524 -6.62 12.97 -7.14
C ARG B 524 -5.13 13.29 -7.27
N ALA B 525 -4.75 14.51 -7.64
CA ALA B 525 -3.32 14.79 -7.82
C ALA B 525 -2.59 15.05 -6.50
N SER B 526 -3.30 14.95 -5.38
CA SER B 526 -2.73 15.37 -4.09
C SER B 526 -1.87 14.31 -3.42
N GLY B 527 -1.80 13.14 -4.05
CA GLY B 527 -0.88 12.13 -3.55
C GLY B 527 -1.49 10.74 -3.42
N THR B 528 -0.79 9.89 -2.67
CA THR B 528 -1.18 8.49 -2.51
C THR B 528 -2.16 8.25 -1.36
N ASN B 529 -2.37 9.29 -0.54
CA ASN B 529 -3.31 9.25 0.58
C ASN B 529 -3.12 8.08 1.55
N ASP B 530 -1.93 8.00 2.14
CA ASP B 530 -1.65 6.96 3.11
C ASP B 530 -2.00 7.36 4.53
N LYS B 531 -2.55 8.55 4.69
CA LYS B 531 -3.12 9.01 5.98
C LYS B 531 -2.15 8.96 7.17
N PRO B 532 -1.00 9.61 7.04
CA PRO B 532 -0.18 9.85 8.23
C PRO B 532 -1.04 10.58 9.25
N GLY B 533 -0.89 10.21 10.53
CA GLY B 533 -1.76 10.72 11.57
C GLY B 533 -2.84 9.72 11.96
N GLY B 534 -3.02 8.68 11.15
CA GLY B 534 -3.97 7.63 11.46
C GLY B 534 -3.29 6.31 11.72
N PRO B 535 -4.08 5.28 12.06
CA PRO B 535 -3.54 4.01 12.53
C PRO B 535 -3.01 3.11 11.41
N HIS B 536 -3.25 3.44 10.15
CA HIS B 536 -2.88 2.53 9.07
C HIS B 536 -1.60 2.90 8.33
N TYR B 537 -1.15 4.14 8.53
CA TYR B 537 0.02 4.65 7.83
C TYR B 537 1.23 3.73 7.97
N ILE B 538 1.47 3.24 9.18
CA ILE B 538 2.65 2.40 9.42
C ILE B 538 2.65 1.12 8.58
N LEU B 539 1.48 0.70 8.11
CA LEU B 539 1.42 -0.54 7.34
C LEU B 539 2.17 -0.42 6.03
N ARG B 540 2.36 0.80 5.52
CA ARG B 540 3.13 0.93 4.29
C ARG B 540 4.60 0.55 4.48
N TRP B 541 5.06 0.53 5.73
CA TRP B 541 6.49 0.38 6.03
C TRP B 541 6.81 -0.98 6.65
N THR B 542 5.85 -1.88 6.63
CA THR B 542 6.10 -3.27 7.00
C THR B 542 5.68 -4.21 5.87
N SER B 543 6.43 -5.30 5.72
CA SER B 543 6.10 -6.35 4.76
C SER B 543 5.94 -7.62 5.57
N PRO B 544 4.70 -7.98 5.93
CA PRO B 544 4.52 -9.05 6.92
C PRO B 544 4.95 -10.42 6.41
N GLN B 545 5.44 -11.25 7.35
CA GLN B 545 5.69 -12.65 7.10
C GLN B 545 4.76 -13.42 8.01
N VAL B 546 4.16 -14.50 7.51
CA VAL B 546 3.34 -15.36 8.35
CA VAL B 546 3.36 -15.35 8.37
C VAL B 546 4.04 -16.71 8.51
N ILE B 547 4.21 -17.13 9.76
CA ILE B 547 4.86 -18.38 10.08
C ILE B 547 3.83 -19.37 10.57
N LYS B 548 3.83 -20.56 9.99
CA LYS B 548 2.96 -21.65 10.42
C LYS B 548 3.83 -22.77 10.94
N GLU B 549 3.66 -23.12 12.21
CA GLU B 549 4.37 -24.26 12.78
C GLU B 549 3.39 -25.37 13.04
N THR B 550 3.67 -26.53 12.47
CA THR B 550 2.81 -27.69 12.64
C THR B 550 3.42 -28.65 13.67
N HIS B 551 2.58 -29.11 14.58
CA HIS B 551 3.06 -29.80 15.79
C HIS B 551 2.89 -31.32 15.78
N LYS B 552 2.39 -31.86 14.68
CA LYS B 552 2.21 -33.30 14.53
C LYS B 552 2.78 -33.73 13.19
N PRO B 553 3.21 -35.00 13.10
CA PRO B 553 3.69 -35.51 11.81
C PRO B 553 2.60 -35.41 10.75
N LEU B 554 3.01 -35.24 9.51
N LEU B 554 2.99 -35.34 9.48
CA LEU B 554 2.08 -35.26 8.41
CA LEU B 554 2.03 -35.03 8.40
C LEU B 554 1.75 -36.71 8.12
C LEU B 554 1.21 -36.19 7.81
N GLY B 555 0.61 -36.92 7.50
N GLY B 555 1.73 -37.41 7.87
CA GLY B 555 0.21 -38.26 7.12
CA GLY B 555 1.02 -38.56 7.35
C GLY B 555 0.67 -38.57 5.72
C GLY B 555 1.26 -38.83 5.87
N ASP B 556 -0.06 -39.47 5.05
N ASP B 556 0.23 -39.28 5.18
CA ASP B 556 0.29 -39.85 3.70
CA ASP B 556 0.34 -39.73 3.78
C ASP B 556 0.02 -38.71 2.73
C ASP B 556 0.17 -38.58 2.79
N TRP B 557 0.64 -38.78 1.56
CA TRP B 557 0.42 -37.79 0.52
C TRP B 557 -0.95 -37.97 -0.13
N ARG B 558 -1.46 -39.21 -0.08
CA ARG B 558 -2.78 -39.49 -0.63
C ARG B 558 -3.88 -38.87 0.23
N TYR B 559 -5.07 -38.73 -0.36
CA TYR B 559 -6.27 -38.33 0.38
C TYR B 559 -7.25 -39.51 0.44
N SER B 560 -8.07 -39.55 1.48
CA SER B 560 -9.00 -40.66 1.63
C SER B 560 -9.97 -40.83 0.46
N TYR B 561 -10.40 -39.73 -0.16
CA TYR B 561 -11.37 -39.84 -1.26
C TYR B 561 -10.79 -40.56 -2.48
N MET B 562 -9.46 -40.63 -2.55
CA MET B 562 -8.79 -41.25 -3.68
C MET B 562 -8.82 -42.79 -3.66
N GLN B 563 -9.22 -43.35 -2.52
CA GLN B 563 -9.22 -44.80 -2.34
C GLN B 563 -10.31 -45.46 -3.18
C1 GOL C . 3.86 -41.02 -19.81
O1 GOL C . 3.76 -42.26 -20.48
C2 GOL C . 3.46 -39.90 -20.75
O2 GOL C . 4.51 -39.68 -21.67
C3 GOL C . 3.21 -38.62 -19.94
O3 GOL C . 2.16 -38.84 -19.05
C1 GOL D . 26.95 -34.37 -20.57
O1 GOL D . 27.97 -33.72 -19.84
C2 GOL D . 25.74 -34.64 -19.69
O2 GOL D . 26.12 -35.45 -18.59
C3 GOL D . 24.70 -35.38 -20.52
O3 GOL D . 23.60 -35.71 -19.72
PA NAD E . 0.80 -14.43 -16.87
O1A NAD E . 1.52 -13.20 -16.24
O2A NAD E . 1.38 -14.67 -18.29
O5B NAD E . -0.75 -14.13 -17.00
C5B NAD E . -1.51 -13.72 -15.90
C4B NAD E . -2.64 -12.87 -16.43
O4B NAD E . -2.08 -11.70 -17.00
C3B NAD E . -3.48 -13.55 -17.47
O3B NAD E . -4.80 -13.22 -17.27
C2B NAD E . -2.94 -12.97 -18.73
O2B NAD E . -3.83 -13.00 -19.80
C1B NAD E . -2.69 -11.57 -18.27
N9A NAD E . -1.81 -10.75 -19.08
C8A NAD E . -0.68 -11.10 -19.80
N7A NAD E . -0.15 -10.00 -20.37
C5A NAD E . -0.91 -8.89 -20.01
C6A NAD E . -0.88 -7.53 -20.26
N6A NAD E . 0.14 -6.94 -21.06
N1A NAD E . -1.82 -6.74 -19.72
C2A NAD E . -2.83 -7.21 -18.95
N3A NAD E . -2.89 -8.53 -18.68
C4A NAD E . -1.97 -9.36 -19.19
O3 NAD E . 1.06 -15.67 -15.89
PN NAD E . 0.04 -16.86 -15.61
O1N NAD E . 0.16 -17.93 -16.65
O2N NAD E . -1.39 -16.47 -15.77
O5D NAD E . 0.28 -17.45 -14.15
C5D NAD E . 1.56 -17.91 -13.77
C4D NAD E . 2.19 -17.01 -12.73
O4D NAD E . 1.23 -16.53 -11.81
C3D NAD E . 3.28 -17.69 -11.97
O3D NAD E . 4.44 -16.95 -11.94
C2D NAD E . 2.70 -17.82 -10.63
O2D NAD E . 3.66 -17.87 -9.65
C1D NAD E . 1.85 -16.60 -10.54
N1N NAD E . 0.92 -16.67 -9.42
C2N NAD E . 1.22 -15.99 -8.21
C3N NAD E . 0.34 -16.06 -7.12
C7N NAD E . 0.67 -15.31 -5.83
O7N NAD E . -0.17 -15.20 -4.96
N7N NAD E . 1.97 -14.74 -5.64
C4N NAD E . -0.86 -16.80 -7.23
C5N NAD E . -1.16 -17.48 -8.43
C6N NAD E . -0.28 -17.42 -9.52
PA NAD F . 9.46 20.39 -3.68
O1A NAD F . 8.96 19.21 -4.56
O2A NAD F . 10.09 21.51 -4.54
O5B NAD F . 10.57 19.82 -2.70
C5B NAD F . 10.21 18.82 -1.78
C4B NAD F . 11.46 18.02 -1.47
O4B NAD F . 11.81 17.25 -2.59
C3B NAD F . 12.64 18.86 -1.08
O3B NAD F . 13.35 18.24 -0.07
C2B NAD F . 13.41 18.89 -2.34
O2B NAD F . 14.77 19.14 -2.15
C1B NAD F . 13.21 17.50 -2.81
N9A NAD F . 13.49 17.20 -4.20
C8A NAD F . 13.30 17.99 -5.32
N7A NAD F . 13.65 17.31 -6.43
C5A NAD F . 14.05 16.03 -6.06
C6A NAD F . 14.50 14.89 -6.73
N6A NAD F . 14.62 14.87 -8.15
N1A NAD F . 14.80 13.78 -6.03
C2A NAD F . 14.70 13.72 -4.69
N3A NAD F . 14.28 14.82 -3.99
C4A NAD F . 13.94 15.94 -4.65
O3 NAD F . 8.22 20.93 -2.82
PN NAD F . 8.39 21.85 -1.52
O1N NAD F . 8.87 23.20 -1.88
O2N NAD F . 9.50 21.37 -0.64
O5D NAD F . 7.01 21.91 -0.72
C5D NAD F . 5.88 22.50 -1.31
C4D NAD F . 4.95 21.44 -1.86
O4D NAD F . 4.85 20.34 -0.98
C3D NAD F . 3.57 21.96 -2.11
O3D NAD F . 3.04 21.48 -3.30
C2D NAD F . 2.83 21.45 -0.95
O2D NAD F . 1.49 21.38 -1.19
C1D NAD F . 3.47 20.13 -0.73
N1N NAD F . 3.19 19.59 0.59
C2N NAD F . 2.21 18.58 0.76
C3N NAD F . 1.93 18.07 2.03
C7N NAD F . 0.87 16.99 2.21
O7N NAD F . 0.75 16.43 3.29
N7N NAD F . 0.02 16.62 1.12
C4N NAD F . 2.64 18.56 3.15
C5N NAD F . 3.63 19.56 2.99
C6N NAD F . 3.90 20.07 1.72
#